data_6DGM
#
_entry.id   6DGM
#
_cell.length_a   74.650
_cell.length_b   82.970
_cell.length_c   130.360
_cell.angle_alpha   90.000
_cell.angle_beta   90.000
_cell.angle_gamma   90.000
#
_symmetry.space_group_name_H-M   'P 21 21 21'
#
loop_
_entity.id
_entity.type
_entity.pdbx_description
1 polymer 'Phosphoglycerol transferase GacH'
2 non-polymer 'MANGANESE (II) ION'
3 non-polymer SN-GLYCEROL-1-PHOSPHATE
4 non-polymer 'CALCIUM ION'
5 water water
#
_entity_poly.entity_id   1
_entity_poly.type   'polypeptide(L)'
_entity_poly.pdbx_seq_one_letter_code
;GAMEKPTNYSQETIASIAQKYQKLAEDINKDRKNNIADQTVIYLLSESLSDPDRVSNVTVSHDVLPNIKAIKNSTTAGLM
QSDSYGGGTANMEFQTLTSLPFYNFSSSVSVLYSEVFPKMAKPHTISEFYQGKNRIAMHPASANNFNRKTVYSNLGFSKF
LALSGSKDKFKNIENVGLLTSDKTVYNNILSLINPSESQFFSVITMQNHIPWSSDYPEEIVAEGKNFTEEENHNLTSYAR
LLSFTDKETRAFLEKLTQINKPITVVFYGDHLPGLYPDSAFNKHIENKYLTDYFIWSNGTNEKKNHPLINSSDFTAALFE
HTDSKVSPYYALLTEVLNKASVDKSPDSPEVKAIQNDLKNIQYDVTIGKGYLLKHKTFFKISR
;
_entity_poly.pdbx_strand_id   A,B
#
loop_
_chem_comp.id
_chem_comp.type
_chem_comp.name
_chem_comp.formula
1GP non-polymer SN-GLYCEROL-1-PHOSPHATE 'C3 H9 O6 P'
CA non-polymer 'CALCIUM ION' 'Ca 2'
MN non-polymer 'MANGANESE (II) ION' 'Mn 2'
#
# COMPACT_ATOMS: atom_id res chain seq x y z
N GLY A 1 20.91 21.58 7.27
CA GLY A 1 20.10 21.76 8.47
C GLY A 1 18.61 21.75 8.20
N ALA A 2 17.79 21.75 9.26
CA ALA A 2 16.35 21.56 9.09
C ALA A 2 15.65 22.83 8.62
N MET A 3 16.28 23.99 8.79
CA MET A 3 15.65 25.23 8.36
C MET A 3 16.72 26.29 8.17
N GLU A 4 16.57 27.11 7.14
CA GLU A 4 17.44 28.26 6.94
C GLU A 4 17.18 29.31 8.01
N LYS A 5 18.26 29.88 8.53
CA LYS A 5 18.15 30.95 9.51
C LYS A 5 17.75 32.24 8.79
N PRO A 6 16.65 32.90 9.15
CA PRO A 6 16.33 34.18 8.53
C PRO A 6 17.49 35.16 8.71
N THR A 7 17.73 35.98 7.68
CA THR A 7 18.87 36.88 7.71
C THR A 7 18.75 37.90 8.84
N ASN A 8 17.54 38.22 9.28
CA ASN A 8 17.34 39.19 10.35
C ASN A 8 17.03 38.53 11.71
N TYR A 9 17.26 37.23 11.83
CA TYR A 9 17.04 36.56 13.11
C TYR A 9 17.98 37.09 14.17
N SER A 10 17.42 37.41 15.33
CA SER A 10 18.14 38.02 16.44
C SER A 10 17.16 38.17 17.58
N GLN A 11 17.72 38.39 18.77
CA GLN A 11 16.89 38.66 19.95
C GLN A 11 16.01 39.88 19.72
N GLU A 12 16.56 40.94 19.11
CA GLU A 12 15.77 42.16 18.89
C GLU A 12 14.65 41.93 17.89
N THR A 13 14.91 41.17 16.83
CA THR A 13 13.83 40.87 15.89
C THR A 13 12.71 40.07 16.54
N ILE A 14 13.05 39.06 17.33
CA ILE A 14 12.03 38.29 18.03
C ILE A 14 11.24 39.18 18.98
N ALA A 15 11.92 40.09 19.68
CA ALA A 15 11.22 41.02 20.56
C ALA A 15 10.23 41.88 19.78
N SER A 16 10.64 42.37 18.60
CA SER A 16 9.74 43.21 17.80
C SER A 16 8.51 42.43 17.36
N ILE A 17 8.71 41.17 16.95
CA ILE A 17 7.60 40.33 16.52
C ILE A 17 6.68 40.06 17.68
N ALA A 18 7.24 39.75 18.84
CA ALA A 18 6.41 39.44 20.01
C ALA A 18 5.56 40.64 20.41
N GLN A 19 6.14 41.85 20.40
CA GLN A 19 5.36 43.03 20.77
C GLN A 19 4.29 43.33 19.72
N LYS A 20 4.64 43.16 18.44
CA LYS A 20 3.68 43.41 17.37
C LYS A 20 2.46 42.50 17.47
N TYR A 21 2.66 41.22 17.71
CA TYR A 21 1.52 40.29 17.76
C TYR A 21 0.84 40.28 19.12
N GLN A 22 1.50 40.79 20.16
CA GLN A 22 0.79 41.02 21.41
C GLN A 22 -0.32 42.04 21.21
N LYS A 23 0.00 43.14 20.51
CA LYS A 23 -1.00 44.16 20.29
C LYS A 23 -2.09 43.67 19.32
N LEU A 24 -1.68 42.93 18.28
CA LEU A 24 -2.68 42.45 17.33
C LEU A 24 -3.63 41.46 18.00
N ALA A 25 -3.12 40.61 18.87
CA ALA A 25 -3.99 39.70 19.62
C ALA A 25 -5.01 40.46 20.45
N GLU A 26 -4.57 41.54 21.12
CA GLU A 26 -5.51 42.38 21.86
C GLU A 26 -6.56 42.98 20.93
N ASP A 27 -6.14 43.46 19.76
CA ASP A 27 -7.10 44.04 18.82
C ASP A 27 -8.10 42.98 18.34
N ILE A 28 -7.61 41.80 17.98
CA ILE A 28 -8.49 40.73 17.51
C ILE A 28 -9.46 40.33 18.61
N ASN A 29 -8.96 40.16 19.83
CA ASN A 29 -9.79 39.61 20.90
C ASN A 29 -10.92 40.52 21.32
N LYS A 30 -10.85 41.83 21.00
CA LYS A 30 -11.99 42.70 21.23
C LYS A 30 -13.24 42.22 20.52
N ASP A 31 -13.10 41.45 19.43
CA ASP A 31 -14.23 40.95 18.66
C ASP A 31 -14.31 39.43 18.64
N ARG A 32 -13.66 38.76 19.58
CA ARG A 32 -13.75 37.31 19.72
C ARG A 32 -14.44 37.04 21.06
N LYS A 33 -15.61 36.39 21.02
CA LYS A 33 -16.39 36.22 22.25
C LYS A 33 -16.04 34.96 23.03
N ASN A 34 -15.51 33.94 22.38
CA ASN A 34 -15.44 32.60 22.94
C ASN A 34 -14.02 32.23 23.36
N ASN A 35 -13.94 31.15 24.11
CA ASN A 35 -12.68 30.57 24.57
C ASN A 35 -12.48 29.22 23.93
N ILE A 36 -11.29 28.99 23.36
CA ILE A 36 -11.04 27.73 22.67
C ILE A 36 -11.21 26.54 23.62
N ALA A 37 -10.81 26.71 24.88
CA ALA A 37 -10.89 25.65 25.88
C ALA A 37 -12.32 25.32 26.30
N ASP A 38 -13.31 26.09 25.83
CA ASP A 38 -14.71 25.74 26.04
C ASP A 38 -15.26 24.86 24.93
N GLN A 39 -14.48 24.58 23.91
CA GLN A 39 -14.91 23.79 22.77
C GLN A 39 -14.18 22.45 22.83
N THR A 40 -14.89 21.37 22.53
CA THR A 40 -14.25 20.11 22.20
C THR A 40 -13.95 20.13 20.70
N VAL A 41 -12.73 19.76 20.35
CA VAL A 41 -12.20 19.92 19.01
C VAL A 41 -11.68 18.58 18.53
N ILE A 42 -12.05 18.20 17.31
CA ILE A 42 -11.64 16.96 16.68
C ILE A 42 -10.93 17.30 15.39
N TYR A 43 -9.65 16.95 15.29
CA TYR A 43 -8.90 17.06 14.04
C TYR A 43 -8.96 15.70 13.38
N LEU A 44 -9.61 15.63 12.22
CA LEU A 44 -9.95 14.36 11.57
C LEU A 44 -9.23 14.34 10.24
N LEU A 45 -8.07 13.69 10.21
CA LEU A 45 -7.31 13.46 8.99
C LEU A 45 -7.94 12.25 8.32
N SER A 46 -8.59 12.47 7.18
CA SER A 46 -9.31 11.44 6.44
C SER A 46 -8.35 10.97 5.34
N GLU A 47 -7.70 9.83 5.57
CA GLU A 47 -6.63 9.33 4.73
C GLU A 47 -7.03 9.30 3.27
N SER A 48 -6.24 9.96 2.46
CA SER A 48 -6.34 9.95 1.01
C SER A 48 -7.66 10.48 0.47
N LEU A 49 -8.42 11.25 1.24
CA LEU A 49 -9.72 11.72 0.77
C LEU A 49 -9.60 12.96 -0.12
N SER A 50 -10.13 12.86 -1.34
CA SER A 50 -10.13 14.00 -2.24
C SER A 50 -11.11 13.71 -3.37
N ASP A 51 -11.96 14.68 -3.66
CA ASP A 51 -13.04 14.49 -4.61
C ASP A 51 -12.46 14.17 -5.99
N PRO A 52 -12.71 12.99 -6.55
CA PRO A 52 -12.20 12.71 -7.90
C PRO A 52 -12.76 13.61 -8.98
N ASP A 53 -13.88 14.28 -8.73
CA ASP A 53 -14.48 15.18 -9.72
C ASP A 53 -13.56 16.34 -10.07
N ARG A 54 -12.58 16.67 -9.24
CA ARG A 54 -11.65 17.74 -9.56
C ARG A 54 -10.52 17.29 -10.48
N VAL A 55 -10.36 15.98 -10.68
CA VAL A 55 -9.36 15.49 -11.60
C VAL A 55 -9.93 15.55 -13.01
N SER A 56 -9.31 16.37 -13.86
CA SER A 56 -9.93 16.82 -15.10
C SER A 56 -10.37 15.65 -15.99
N ASN A 57 -9.51 14.65 -16.17
CA ASN A 57 -9.78 13.63 -17.16
C ASN A 57 -10.49 12.40 -16.60
N VAL A 58 -11.07 12.52 -15.42
CA VAL A 58 -11.76 11.42 -14.74
C VAL A 58 -13.25 11.59 -14.90
N THR A 59 -13.95 10.46 -15.05
CA THR A 59 -15.41 10.43 -15.04
C THR A 59 -15.84 9.37 -14.03
N VAL A 60 -16.77 9.73 -13.16
CA VAL A 60 -17.35 8.81 -12.18
C VAL A 60 -18.84 8.72 -12.46
N SER A 61 -19.39 7.51 -12.38
CA SER A 61 -20.79 7.30 -12.75
C SER A 61 -21.75 7.97 -11.78
N HIS A 62 -21.32 8.17 -10.53
CA HIS A 62 -22.15 8.78 -9.51
C HIS A 62 -21.28 9.72 -8.67
N ASP A 63 -21.92 10.70 -8.06
CA ASP A 63 -21.26 11.51 -7.06
C ASP A 63 -20.99 10.64 -5.84
N VAL A 64 -19.73 10.55 -5.42
CA VAL A 64 -19.38 9.70 -4.28
C VAL A 64 -19.11 10.50 -3.02
N LEU A 65 -19.17 11.82 -3.09
CA LEU A 65 -19.07 12.66 -1.91
C LEU A 65 -20.26 13.59 -1.78
N PRO A 66 -21.50 13.14 -2.02
CA PRO A 66 -22.63 14.08 -1.96
C PRO A 66 -22.85 14.67 -0.57
N ASN A 67 -22.71 13.87 0.49
CA ASN A 67 -22.93 14.40 1.83
C ASN A 67 -21.81 15.34 2.23
N ILE A 68 -20.56 15.01 1.89
CA ILE A 68 -19.46 15.89 2.25
C ILE A 68 -19.54 17.19 1.46
N LYS A 69 -19.99 17.13 0.21
CA LYS A 69 -20.17 18.37 -0.54
C LYS A 69 -21.24 19.25 0.08
N ALA A 70 -22.30 18.63 0.58
CA ALA A 70 -23.35 19.40 1.25
C ALA A 70 -22.84 20.01 2.54
N ILE A 71 -22.02 19.27 3.28
CA ILE A 71 -21.41 19.83 4.48
C ILE A 71 -20.55 21.03 4.12
N LYS A 72 -19.71 20.89 3.08
CA LYS A 72 -18.84 22.00 2.68
C LYS A 72 -19.65 23.23 2.33
N ASN A 73 -20.81 23.04 1.70
CA ASN A 73 -21.63 24.19 1.32
C ASN A 73 -22.22 24.90 2.54
N SER A 74 -22.27 24.23 3.70
CA SER A 74 -22.98 24.72 4.87
C SER A 74 -22.08 25.39 5.90
N THR A 75 -20.78 25.33 5.72
CA THR A 75 -19.86 25.77 6.76
C THR A 75 -18.56 26.18 6.11
N THR A 76 -17.67 26.73 6.91
CA THR A 76 -16.33 27.07 6.43
C THR A 76 -15.68 25.86 5.81
N ALA A 77 -15.25 25.98 4.56
CA ALA A 77 -14.78 24.81 3.83
C ALA A 77 -14.13 25.24 2.53
N GLY A 78 -13.37 24.33 1.94
CA GLY A 78 -12.72 24.63 0.69
C GLY A 78 -11.73 23.56 0.30
N LEU A 79 -10.62 24.00 -0.28
CA LEU A 79 -9.54 23.13 -0.68
C LEU A 79 -8.33 23.38 0.21
N MET A 80 -7.61 22.31 0.50
CA MET A 80 -6.35 22.35 1.23
C MET A 80 -5.22 21.99 0.29
N GLN A 81 -4.17 22.81 0.29
CA GLN A 81 -2.98 22.44 -0.46
C GLN A 81 -2.18 21.42 0.35
N SER A 82 -1.88 20.28 -0.27
CA SER A 82 -1.07 19.26 0.35
C SER A 82 0.37 19.39 -0.14
N ASP A 83 1.30 18.96 0.70
CA ASP A 83 2.72 19.00 0.34
C ASP A 83 3.19 17.78 -0.43
N SER A 84 2.35 16.74 -0.58
CA SER A 84 2.81 15.52 -1.23
C SER A 84 1.65 14.82 -1.90
N TYR A 85 1.98 13.75 -2.62
CA TYR A 85 1.03 12.97 -3.41
C TYR A 85 1.20 11.51 -3.07
N GLY A 86 0.08 10.84 -2.76
CA GLY A 86 0.10 9.42 -2.47
C GLY A 86 0.76 9.04 -1.16
N GLY A 87 0.99 10.01 -0.29
CA GLY A 87 1.65 9.74 0.97
C GLY A 87 2.01 11.07 1.60
N GLY A 88 2.58 11.01 2.79
CA GLY A 88 2.96 12.19 3.53
C GLY A 88 2.06 12.53 4.71
N THR A 89 1.17 11.63 5.09
CA THR A 89 0.19 11.84 6.14
C THR A 89 0.74 12.59 7.35
N ALA A 90 1.80 12.05 7.95
CA ALA A 90 2.30 12.60 9.20
C ALA A 90 2.83 14.02 9.05
N ASN A 91 3.24 14.41 7.83
CA ASN A 91 3.71 15.79 7.63
C ASN A 91 2.55 16.76 7.65
N MET A 92 1.42 16.40 7.04
CA MET A 92 0.24 17.24 7.15
C MET A 92 -0.25 17.28 8.59
N GLU A 93 -0.21 16.13 9.26
CA GLU A 93 -0.63 16.03 10.65
C GLU A 93 0.17 16.99 11.53
N PHE A 94 1.51 16.96 11.42
CA PHE A 94 2.36 17.86 12.18
C PHE A 94 1.96 19.32 11.97
N GLN A 95 1.69 19.68 10.73
CA GLN A 95 1.35 21.06 10.41
C GLN A 95 0.02 21.46 11.02
N THR A 96 -0.96 20.55 11.06
CA THR A 96 -2.22 20.92 11.71
C THR A 96 -2.00 21.19 13.20
N LEU A 97 -1.17 20.40 13.85
CA LEU A 97 -1.03 20.54 15.29
C LEU A 97 -0.20 21.76 15.68
N THR A 98 0.93 21.98 15.00
CA THR A 98 1.84 23.06 15.35
C THR A 98 1.53 24.37 14.63
N SER A 99 0.93 24.28 13.44
CA SER A 99 0.72 25.41 12.53
C SER A 99 2.01 25.93 11.92
N LEU A 100 3.11 25.18 12.00
CA LEU A 100 4.35 25.57 11.35
C LEU A 100 4.40 24.96 9.95
N PRO A 101 4.46 25.76 8.88
CA PRO A 101 4.37 25.17 7.54
C PRO A 101 5.62 24.43 7.10
N PHE A 102 5.38 23.27 6.49
CA PHE A 102 6.46 22.49 5.90
C PHE A 102 7.22 23.28 4.86
N TYR A 103 6.54 24.17 4.13
CA TYR A 103 7.19 24.90 3.06
C TYR A 103 8.27 25.86 3.56
N ASN A 104 8.33 26.14 4.85
CA ASN A 104 9.38 26.97 5.41
C ASN A 104 10.56 26.18 5.94
N PHE A 105 10.45 24.86 6.00
CA PHE A 105 11.59 24.05 6.40
C PHE A 105 12.44 23.72 5.17
N SER A 106 13.64 23.20 5.43
CA SER A 106 14.55 22.84 4.37
C SER A 106 13.96 21.73 3.51
N SER A 107 14.26 21.76 2.21
CA SER A 107 13.84 20.68 1.33
C SER A 107 14.48 19.35 1.70
N SER A 108 15.58 19.37 2.46
CA SER A 108 16.19 18.13 2.94
C SER A 108 15.31 17.35 3.91
N VAL A 109 14.33 18.00 4.54
CA VAL A 109 13.52 17.33 5.55
C VAL A 109 12.49 16.43 4.89
N SER A 110 12.49 15.16 5.27
CA SER A 110 11.53 14.20 4.74
C SER A 110 10.31 14.02 5.65
N VAL A 111 10.52 13.75 6.92
CA VAL A 111 9.41 13.51 7.85
C VAL A 111 9.59 14.41 9.07
N LEU A 112 8.63 15.33 9.27
CA LEU A 112 8.73 16.30 10.35
C LEU A 112 8.75 15.65 11.72
N TYR A 113 7.94 14.61 11.92
CA TYR A 113 7.89 13.97 13.22
C TYR A 113 9.21 13.31 13.61
N SER A 114 10.04 12.94 12.62
CA SER A 114 11.32 12.31 12.89
C SER A 114 12.48 13.30 12.92
N GLU A 115 12.42 14.37 12.12
CA GLU A 115 13.56 15.25 11.92
C GLU A 115 13.42 16.62 12.56
N VAL A 116 12.21 17.07 12.83
CA VAL A 116 11.99 18.41 13.38
C VAL A 116 11.35 18.33 14.78
N PHE A 117 10.27 17.57 14.92
CA PHE A 117 9.63 17.49 16.23
C PHE A 117 10.62 17.17 17.35
N PRO A 118 11.49 16.18 17.22
CA PRO A 118 12.37 15.83 18.37
C PRO A 118 13.32 16.93 18.74
N LYS A 119 13.56 17.87 17.84
CA LYS A 119 14.48 18.96 18.16
C LYS A 119 13.80 20.16 18.80
N MET A 120 12.48 20.17 18.90
CA MET A 120 11.76 21.30 19.46
C MET A 120 11.79 21.22 20.98
N ALA A 121 12.34 22.25 21.61
CA ALA A 121 12.51 22.21 23.06
C ALA A 121 11.18 22.23 23.80
N LYS A 122 10.16 22.89 23.25
CA LYS A 122 8.89 23.11 23.92
C LYS A 122 7.82 23.30 22.85
N PRO A 123 7.41 22.24 22.16
CA PRO A 123 6.51 22.40 21.02
C PRO A 123 5.13 22.90 21.44
N HIS A 124 4.70 23.98 20.78
CA HIS A 124 3.36 24.55 21.00
C HIS A 124 2.37 24.04 19.96
N THR A 125 1.22 23.57 20.43
CA THR A 125 0.20 22.97 19.59
C THR A 125 -1.18 23.32 20.14
N ILE A 126 -2.20 23.10 19.31
CA ILE A 126 -3.58 23.34 19.74
C ILE A 126 -3.93 22.53 20.97
N SER A 127 -3.29 21.38 21.17
CA SER A 127 -3.67 20.49 22.26
C SER A 127 -3.27 21.02 23.63
N GLU A 128 -2.33 21.98 23.71
CA GLU A 128 -1.86 22.43 25.00
C GLU A 128 -2.91 23.17 25.81
N PHE A 129 -3.97 23.65 25.18
CA PHE A 129 -5.02 24.37 25.90
C PHE A 129 -5.99 23.43 26.60
N TYR A 130 -5.85 22.12 26.38
CA TYR A 130 -6.69 21.09 26.98
C TYR A 130 -5.90 20.39 28.08
N GLN A 131 -6.61 19.92 29.09
CA GLN A 131 -5.99 19.09 30.11
C GLN A 131 -5.40 17.85 29.46
N GLY A 132 -4.26 17.39 29.98
CA GLY A 132 -3.65 16.18 29.47
C GLY A 132 -4.60 15.00 29.46
N LYS A 133 -5.39 14.84 30.53
CA LYS A 133 -6.37 13.75 30.60
C LYS A 133 -7.41 13.81 29.48
N ASN A 134 -7.55 14.95 28.80
CA ASN A 134 -8.57 15.14 27.78
C ASN A 134 -7.99 15.24 26.38
N ARG A 135 -6.73 14.84 26.20
CA ARG A 135 -6.08 14.81 24.90
C ARG A 135 -6.04 13.36 24.43
N ILE A 136 -6.66 13.09 23.28
CA ILE A 136 -6.83 11.73 22.79
C ILE A 136 -6.38 11.65 21.34
N ALA A 137 -5.49 10.70 21.03
CA ALA A 137 -5.10 10.39 19.67
C ALA A 137 -5.66 9.02 19.26
N MET A 138 -5.92 8.87 17.96
CA MET A 138 -6.49 7.63 17.44
C MET A 138 -5.99 7.35 16.03
N HIS A 139 -5.50 6.13 15.80
CA HIS A 139 -5.05 5.72 14.47
C HIS A 139 -5.06 4.21 14.34
N PRO A 140 -5.83 3.62 13.40
CA PRO A 140 -5.91 2.14 13.34
C PRO A 140 -4.75 1.50 12.58
N ALA A 141 -3.55 1.67 13.13
CA ALA A 141 -2.37 0.92 12.71
C ALA A 141 -1.45 0.89 13.92
N SER A 142 -0.14 0.72 13.69
CA SER A 142 0.79 0.78 14.79
C SER A 142 0.97 2.21 15.29
N ALA A 143 0.91 2.38 16.60
CA ALA A 143 1.21 3.67 17.21
C ALA A 143 2.63 4.15 16.90
N ASN A 144 3.55 3.25 16.54
CA ASN A 144 4.92 3.66 16.28
C ASN A 144 5.18 4.04 14.83
N ASN A 145 4.20 3.85 13.93
CA ASN A 145 4.39 4.35 12.58
C ASN A 145 4.61 5.86 12.63
N PHE A 146 5.59 6.33 11.87
CA PHE A 146 5.90 7.75 11.77
C PHE A 146 6.17 8.42 13.11
N ASN A 147 6.67 7.64 14.06
CA ASN A 147 7.06 8.15 15.37
C ASN A 147 5.87 8.72 16.15
N ARG A 148 4.63 8.33 15.85
CA ARG A 148 3.50 9.00 16.47
C ARG A 148 3.45 8.79 17.98
N LYS A 149 3.80 7.59 18.46
CA LYS A 149 3.67 7.33 19.88
C LYS A 149 4.57 8.27 20.68
N THR A 150 5.80 8.47 20.21
CA THR A 150 6.71 9.40 20.85
C THR A 150 6.17 10.82 20.82
N VAL A 151 5.61 11.22 19.68
CA VAL A 151 5.09 12.58 19.54
C VAL A 151 3.94 12.80 20.51
N TYR A 152 2.94 11.92 20.48
CA TYR A 152 1.78 12.14 21.33
C TYR A 152 2.11 11.98 22.81
N SER A 153 3.05 11.10 23.15
CA SER A 153 3.54 11.02 24.52
C SER A 153 4.18 12.32 24.97
N ASN A 154 5.04 12.90 24.12
CA ASN A 154 5.69 14.14 24.50
C ASN A 154 4.74 15.32 24.50
N LEU A 155 3.64 15.23 23.77
CA LEU A 155 2.56 16.21 23.83
C LEU A 155 1.61 15.93 24.99
N GLY A 156 1.92 14.95 25.84
CA GLY A 156 1.14 14.75 27.05
C GLY A 156 -0.23 14.16 26.84
N PHE A 157 -0.43 13.39 25.80
CA PHE A 157 -1.73 12.81 25.53
C PHE A 157 -2.01 11.67 26.49
N SER A 158 -3.26 11.58 26.94
CA SER A 158 -3.62 10.54 27.89
C SER A 158 -3.88 9.21 27.20
N LYS A 159 -4.38 9.25 25.98
CA LYS A 159 -4.75 8.04 25.26
C LYS A 159 -4.28 8.15 23.82
N PHE A 160 -3.88 7.00 23.28
CA PHE A 160 -3.55 6.88 21.85
C PHE A 160 -4.10 5.51 21.43
N LEU A 161 -5.32 5.51 20.92
CA LEU A 161 -5.91 4.29 20.42
C LEU A 161 -5.20 3.88 19.15
N ALA A 162 -4.75 2.63 19.10
CA ALA A 162 -4.03 2.12 17.95
C ALA A 162 -4.31 0.63 17.83
N LEU A 163 -4.09 0.07 16.63
CA LEU A 163 -4.24 -1.37 16.49
C LEU A 163 -3.14 -2.12 17.23
N SER A 164 -1.96 -1.52 17.36
CA SER A 164 -0.90 -2.12 18.12
C SER A 164 0.03 -1.03 18.63
N GLY A 165 0.80 -1.38 19.66
CA GLY A 165 1.82 -0.51 20.16
C GLY A 165 1.38 0.47 21.23
N SER A 166 0.13 0.36 21.70
CA SER A 166 -0.39 1.21 22.75
C SER A 166 -1.28 0.37 23.65
N LYS A 167 -1.47 0.85 24.88
CA LYS A 167 -2.42 0.19 25.78
C LYS A 167 -3.87 0.46 25.38
N ASP A 168 -4.11 1.47 24.56
CA ASP A 168 -5.46 1.87 24.20
C ASP A 168 -5.89 1.23 22.89
N LYS A 169 -7.06 0.58 22.90
CA LYS A 169 -7.54 -0.19 21.77
C LYS A 169 -8.87 0.34 21.23
N PHE A 170 -9.06 0.17 19.93
CA PHE A 170 -10.37 0.38 19.33
C PHE A 170 -11.31 -0.77 19.70
N LYS A 171 -12.57 -0.43 19.90
CA LYS A 171 -13.60 -1.41 20.18
C LYS A 171 -14.43 -1.66 18.91
N ASN A 172 -14.95 -2.89 18.81
CA ASN A 172 -15.87 -3.26 17.74
C ASN A 172 -15.27 -2.94 16.37
N ILE A 173 -14.11 -3.54 16.11
CA ILE A 173 -13.36 -3.24 14.90
C ILE A 173 -13.98 -3.99 13.72
N GLU A 174 -14.25 -3.27 12.65
CA GLU A 174 -14.72 -3.87 11.41
C GLU A 174 -13.95 -3.23 10.27
N ASN A 175 -13.75 -4.01 9.20
CA ASN A 175 -13.08 -3.53 8.02
C ASN A 175 -14.10 -3.21 6.94
N VAL A 176 -13.87 -2.13 6.22
CA VAL A 176 -14.57 -1.76 5.00
C VAL A 176 -13.45 -1.58 3.97
N GLY A 177 -13.43 -2.45 2.97
CA GLY A 177 -12.20 -2.66 2.22
C GLY A 177 -11.26 -3.56 2.99
N LEU A 178 -9.97 -3.41 2.73
CA LEU A 178 -8.98 -4.24 3.39
C LEU A 178 -8.62 -3.77 4.80
N LEU A 179 -8.94 -2.53 5.16
CA LEU A 179 -8.43 -1.89 6.36
C LEU A 179 -9.58 -1.46 7.26
N THR A 180 -9.23 -0.93 8.43
CA THR A 180 -10.22 -0.59 9.44
C THR A 180 -11.18 0.48 8.91
N SER A 181 -12.47 0.23 9.08
CA SER A 181 -13.45 1.16 8.52
C SER A 181 -13.44 2.52 9.23
N ASP A 182 -13.83 3.55 8.48
CA ASP A 182 -14.09 4.85 9.08
C ASP A 182 -15.23 4.79 10.07
N LYS A 183 -16.23 3.92 9.83
CA LYS A 183 -17.30 3.75 10.81
C LYS A 183 -16.73 3.35 12.16
N THR A 184 -15.78 2.41 12.18
CA THR A 184 -15.14 2.03 13.43
C THR A 184 -14.50 3.23 14.09
N VAL A 185 -13.74 4.01 13.33
CA VAL A 185 -13.08 5.18 13.90
C VAL A 185 -14.10 6.15 14.48
N TYR A 186 -15.12 6.50 13.68
CA TYR A 186 -16.11 7.48 14.13
C TYR A 186 -16.83 7.00 15.38
N ASN A 187 -17.18 5.71 15.44
CA ASN A 187 -17.93 5.23 16.60
C ASN A 187 -17.06 5.15 17.83
N ASN A 188 -15.76 4.94 17.64
CA ASN A 188 -14.83 5.00 18.77
C ASN A 188 -14.64 6.44 19.26
N ILE A 189 -14.63 7.43 18.37
CA ILE A 189 -14.65 8.82 18.83
C ILE A 189 -15.89 9.07 19.68
N LEU A 190 -17.06 8.71 19.14
CA LEU A 190 -18.31 8.98 19.84
C LEU A 190 -18.34 8.36 21.23
N SER A 191 -17.80 7.14 21.38
CA SER A 191 -17.82 6.48 22.67
C SER A 191 -16.89 7.14 23.69
N LEU A 192 -15.95 7.96 23.24
CA LEU A 192 -15.02 8.62 24.15
C LEU A 192 -15.40 10.06 24.44
N ILE A 193 -16.34 10.64 23.69
CA ILE A 193 -16.75 12.02 23.95
C ILE A 193 -17.45 12.09 25.30
N ASN A 194 -16.99 13.02 26.13
CA ASN A 194 -17.49 13.20 27.48
C ASN A 194 -17.97 14.64 27.56
N PRO A 195 -19.28 14.87 27.52
CA PRO A 195 -19.80 16.25 27.51
C PRO A 195 -19.43 17.07 28.74
N SER A 196 -18.97 16.44 29.82
CA SER A 196 -18.55 17.16 31.02
C SER A 196 -17.13 17.68 30.92
N GLU A 197 -16.45 17.42 29.82
CA GLU A 197 -15.07 17.85 29.64
C GLU A 197 -14.93 18.53 28.28
N SER A 198 -13.91 19.38 28.17
CA SER A 198 -13.44 19.88 26.88
C SER A 198 -12.29 19.00 26.44
N GLN A 199 -12.44 18.36 25.27
CA GLN A 199 -11.49 17.38 24.80
C GLN A 199 -10.90 17.78 23.46
N PHE A 200 -9.67 17.33 23.22
CA PHE A 200 -9.03 17.48 21.92
C PHE A 200 -8.70 16.11 21.39
N PHE A 201 -9.21 15.80 20.19
CA PHE A 201 -8.96 14.54 19.52
C PHE A 201 -8.11 14.80 18.29
N SER A 202 -7.05 14.00 18.13
CA SER A 202 -6.28 13.97 16.88
C SER A 202 -6.47 12.59 16.28
N VAL A 203 -7.16 12.53 15.15
CA VAL A 203 -7.58 11.27 14.55
C VAL A 203 -6.96 11.14 13.17
N ILE A 204 -6.45 9.95 12.87
CA ILE A 204 -5.86 9.65 11.57
C ILE A 204 -6.49 8.35 11.08
N THR A 205 -7.31 8.43 10.04
CA THR A 205 -8.01 7.24 9.58
C THR A 205 -7.08 6.34 8.79
N MET A 206 -7.60 5.16 8.42
CA MET A 206 -6.88 4.22 7.57
C MET A 206 -7.69 3.63 6.44
N GLN A 207 -9.02 3.71 6.48
CA GLN A 207 -9.84 2.95 5.52
C GLN A 207 -9.39 3.13 4.08
N ASN A 208 -9.17 4.38 3.65
CA ASN A 208 -8.95 4.68 2.24
C ASN A 208 -7.48 4.74 1.86
N HIS A 209 -6.62 4.17 2.70
CA HIS A 209 -5.21 4.00 2.37
C HIS A 209 -5.04 2.92 1.30
N ILE A 210 -4.09 3.14 0.39
CA ILE A 210 -3.67 2.15 -0.58
C ILE A 210 -3.31 0.85 0.15
N PRO A 211 -3.61 -0.32 -0.41
CA PRO A 211 -4.32 -0.66 -1.65
C PRO A 211 -5.83 -0.68 -1.43
N TRP A 212 -6.57 -0.34 -2.50
CA TRP A 212 -8.02 -0.17 -2.44
C TRP A 212 -8.69 -1.42 -3.00
N SER A 213 -9.60 -2.00 -2.22
CA SER A 213 -10.27 -3.23 -2.63
C SER A 213 -11.74 -3.11 -2.26
N SER A 214 -12.60 -3.00 -3.28
CA SER A 214 -14.02 -2.91 -3.03
C SER A 214 -14.78 -3.27 -4.30
N ASP A 215 -15.71 -4.22 -4.20
CA ASP A 215 -16.55 -4.61 -5.31
C ASP A 215 -17.91 -3.95 -5.31
N TYR A 216 -18.30 -3.28 -4.22
CA TYR A 216 -19.64 -2.73 -4.09
C TYR A 216 -19.54 -1.37 -3.43
N PRO A 217 -20.44 -0.43 -3.78
CA PRO A 217 -21.57 -0.55 -4.71
C PRO A 217 -21.15 -0.76 -6.17
N GLU A 218 -21.64 -1.82 -6.81
CA GLU A 218 -21.17 -2.14 -8.16
C GLU A 218 -21.60 -1.09 -9.17
N GLU A 219 -22.66 -0.34 -8.89
CA GLU A 219 -23.11 0.70 -9.80
C GLU A 219 -22.11 1.86 -9.87
N ILE A 220 -21.24 1.99 -8.89
CA ILE A 220 -20.22 3.04 -8.93
C ILE A 220 -19.06 2.54 -9.78
N VAL A 221 -18.83 3.19 -10.91
CA VAL A 221 -17.74 2.83 -11.81
C VAL A 221 -17.07 4.14 -12.23
N ALA A 222 -15.76 4.07 -12.41
CA ALA A 222 -14.99 5.27 -12.73
C ALA A 222 -13.97 4.92 -13.79
N GLU A 223 -13.64 5.90 -14.61
CA GLU A 223 -12.61 5.71 -15.61
C GLU A 223 -11.92 7.05 -15.83
N GLY A 224 -10.70 6.97 -16.34
CA GLY A 224 -9.95 8.14 -16.72
C GLY A 224 -9.51 8.04 -18.17
N LYS A 225 -9.36 9.19 -18.81
CA LYS A 225 -8.94 9.22 -20.20
C LYS A 225 -7.58 8.56 -20.36
N ASN A 226 -7.52 7.56 -21.25
CA ASN A 226 -6.27 6.84 -21.52
C ASN A 226 -5.72 6.11 -20.31
N PHE A 227 -6.55 5.85 -19.30
CA PHE A 227 -6.09 5.08 -18.17
C PHE A 227 -5.89 3.62 -18.54
N THR A 228 -4.94 2.98 -17.87
CA THR A 228 -4.82 1.54 -17.96
C THR A 228 -5.98 0.87 -17.21
N GLU A 229 -6.16 -0.44 -17.46
CA GLU A 229 -7.16 -1.19 -16.72
C GLU A 229 -6.93 -1.08 -15.21
N GLU A 230 -5.67 -1.19 -14.79
CA GLU A 230 -5.34 -1.12 -13.37
C GLU A 230 -5.68 0.25 -12.78
N GLU A 231 -5.34 1.32 -13.51
CA GLU A 231 -5.66 2.65 -13.02
C GLU A 231 -7.18 2.82 -12.88
N ASN A 232 -7.94 2.36 -13.87
CA ASN A 232 -9.40 2.46 -13.80
C ASN A 232 -9.95 1.63 -12.65
N HIS A 233 -9.38 0.45 -12.41
CA HIS A 233 -9.87 -0.41 -11.34
C HIS A 233 -9.57 0.20 -9.99
N ASN A 234 -8.36 0.72 -9.80
CA ASN A 234 -8.02 1.40 -8.56
C ASN A 234 -8.94 2.60 -8.32
N LEU A 235 -9.19 3.41 -9.35
CA LEU A 235 -10.05 4.56 -9.18
C LEU A 235 -11.46 4.13 -8.81
N THR A 236 -11.97 3.07 -9.46
CA THR A 236 -13.31 2.57 -9.14
C THR A 236 -13.37 2.08 -7.71
N SER A 237 -12.39 1.26 -7.29
CA SER A 237 -12.39 0.76 -5.92
C SER A 237 -12.31 1.90 -4.91
N TYR A 238 -11.45 2.88 -5.18
CA TYR A 238 -11.32 4.05 -4.32
C TYR A 238 -12.64 4.83 -4.24
N ALA A 239 -13.29 5.04 -5.39
CA ALA A 239 -14.54 5.79 -5.39
C ALA A 239 -15.62 5.07 -4.59
N ARG A 240 -15.67 3.74 -4.71
CA ARG A 240 -16.61 2.96 -3.90
C ARG A 240 -16.33 3.15 -2.42
N LEU A 241 -15.05 3.08 -2.02
CA LEU A 241 -14.68 3.28 -0.63
C LEU A 241 -15.04 4.68 -0.15
N LEU A 242 -14.85 5.69 -1.01
CA LEU A 242 -15.25 7.05 -0.63
C LEU A 242 -16.75 7.12 -0.33
N SER A 243 -17.57 6.37 -1.09
CA SER A 243 -19.01 6.42 -0.88
C SER A 243 -19.39 5.99 0.52
N PHE A 244 -18.65 5.03 1.10
CA PHE A 244 -18.91 4.63 2.50
C PHE A 244 -18.45 5.73 3.45
N THR A 245 -17.26 6.26 3.24
CA THR A 245 -16.78 7.35 4.08
C THR A 245 -17.76 8.51 4.06
N ASP A 246 -18.33 8.80 2.89
CA ASP A 246 -19.23 9.93 2.76
C ASP A 246 -20.47 9.73 3.61
N LYS A 247 -21.08 8.55 3.54
CA LYS A 247 -22.27 8.27 4.35
C LYS A 247 -21.93 8.22 5.83
N GLU A 248 -20.80 7.61 6.20
CA GLU A 248 -20.47 7.49 7.61
C GLU A 248 -20.12 8.85 8.20
N THR A 249 -19.53 9.75 7.41
CA THR A 249 -19.19 11.08 7.91
C THR A 249 -20.46 11.86 8.22
N ARG A 250 -21.47 11.78 7.34
CA ARG A 250 -22.76 12.39 7.65
C ARG A 250 -23.35 11.84 8.95
N ALA A 251 -23.36 10.49 9.09
CA ALA A 251 -23.93 9.89 10.28
C ALA A 251 -23.18 10.30 11.54
N PHE A 252 -21.86 10.41 11.44
CA PHE A 252 -21.05 10.89 12.57
C PHE A 252 -21.44 12.30 12.98
N LEU A 253 -21.50 13.22 12.01
CA LEU A 253 -21.85 14.59 12.37
C LEU A 253 -23.26 14.66 12.96
N GLU A 254 -24.21 13.91 12.39
CA GLU A 254 -25.57 13.89 12.94
C GLU A 254 -25.54 13.49 14.41
N LYS A 255 -24.71 12.51 14.78
CA LYS A 255 -24.59 12.13 16.19
C LYS A 255 -23.98 13.25 17.02
N LEU A 256 -22.99 13.96 16.46
CA LEU A 256 -22.41 15.07 17.22
C LEU A 256 -23.43 16.15 17.52
N THR A 257 -24.41 16.36 16.62
CA THR A 257 -25.39 17.42 16.88
C THR A 257 -26.26 17.12 18.10
N GLN A 258 -26.33 15.85 18.51
CA GLN A 258 -27.14 15.45 19.64
C GLN A 258 -26.38 15.43 20.95
N ILE A 259 -25.11 15.82 20.96
CA ILE A 259 -24.32 15.89 22.18
C ILE A 259 -24.36 17.31 22.73
N ASN A 260 -24.65 17.44 24.03
CA ASN A 260 -24.81 18.74 24.67
C ASN A 260 -23.44 19.26 25.13
N LYS A 261 -22.63 19.63 24.13
CA LYS A 261 -21.29 20.19 24.31
C LYS A 261 -20.93 20.85 22.99
N PRO A 262 -20.34 22.06 22.99
CA PRO A 262 -19.86 22.63 21.72
C PRO A 262 -18.71 21.79 21.19
N ILE A 263 -18.86 21.29 19.95
CA ILE A 263 -17.88 20.42 19.31
C ILE A 263 -17.61 20.96 17.92
N THR A 264 -16.32 21.08 17.56
CA THR A 264 -15.95 21.49 16.21
C THR A 264 -15.01 20.44 15.62
N VAL A 265 -15.26 20.08 14.37
CA VAL A 265 -14.48 19.10 13.62
C VAL A 265 -13.74 19.84 12.52
N VAL A 266 -12.43 19.63 12.44
CA VAL A 266 -11.61 20.02 11.31
C VAL A 266 -11.35 18.75 10.52
N PHE A 267 -11.96 18.62 9.34
CA PHE A 267 -11.96 17.41 8.54
C PHE A 267 -11.22 17.71 7.26
N TYR A 268 -10.27 16.84 6.87
CA TYR A 268 -9.49 17.13 5.68
C TYR A 268 -8.88 15.84 5.14
N GLY A 269 -8.72 15.79 3.82
CA GLY A 269 -7.88 14.76 3.24
C GLY A 269 -6.43 15.21 3.26
N ASP A 270 -5.53 14.27 3.58
CA ASP A 270 -4.12 14.62 3.71
C ASP A 270 -3.44 14.84 2.36
N HIS A 271 -3.80 14.05 1.34
CA HIS A 271 -3.22 14.10 0.00
C HIS A 271 -4.14 13.27 -0.88
N LEU A 272 -3.98 13.42 -2.19
CA LEU A 272 -4.71 12.58 -3.12
C LEU A 272 -4.21 11.14 -3.01
N PRO A 273 -5.06 10.16 -3.33
CA PRO A 273 -4.57 8.79 -3.48
C PRO A 273 -3.59 8.68 -4.62
N GLY A 274 -2.58 7.82 -4.44
CA GLY A 274 -1.55 7.67 -5.45
C GLY A 274 -1.96 6.67 -6.51
N LEU A 275 -3.03 6.99 -7.22
CA LEU A 275 -3.50 6.11 -8.28
C LEU A 275 -3.62 6.77 -9.64
N TYR A 276 -3.49 8.11 -9.71
CA TYR A 276 -3.67 8.79 -10.99
C TYR A 276 -2.34 8.97 -11.70
N PRO A 277 -2.30 8.75 -13.01
CA PRO A 277 -1.14 9.22 -13.79
C PRO A 277 -1.19 10.73 -13.93
N ASP A 278 -0.02 11.33 -14.18
CA ASP A 278 0.03 12.79 -14.32
C ASP A 278 -0.90 13.27 -15.43
N SER A 279 -1.11 12.46 -16.47
CA SER A 279 -1.97 12.87 -17.57
C SER A 279 -3.39 13.17 -17.09
N ALA A 280 -3.82 12.55 -15.98
CA ALA A 280 -5.17 12.75 -15.47
C ALA A 280 -5.48 14.21 -15.19
N PHE A 281 -4.47 15.01 -14.87
CA PHE A 281 -4.69 16.39 -14.45
C PHE A 281 -4.71 17.39 -15.60
N ASN A 282 -4.39 16.97 -16.83
CA ASN A 282 -4.60 17.75 -18.04
C ASN A 282 -4.36 19.25 -17.92
N LYS A 283 -3.10 19.66 -17.75
CA LYS A 283 -2.74 21.08 -17.69
C LYS A 283 -3.23 21.79 -16.43
N HIS A 284 -3.95 21.12 -15.55
CA HIS A 284 -4.32 21.67 -14.24
C HIS A 284 -3.62 20.85 -13.17
N ILE A 285 -2.27 20.82 -13.24
CA ILE A 285 -1.49 19.98 -12.34
C ILE A 285 -1.61 20.42 -10.91
N GLU A 286 -2.05 21.66 -10.65
CA GLU A 286 -2.27 22.07 -9.26
C GLU A 286 -3.21 21.10 -8.55
N ASN A 287 -4.15 20.49 -9.29
CA ASN A 287 -5.14 19.61 -8.67
C ASN A 287 -4.54 18.30 -8.19
N LYS A 288 -3.29 18.02 -8.52
CA LYS A 288 -2.62 16.85 -7.93
C LYS A 288 -2.38 17.03 -6.44
N TYR A 289 -2.48 18.26 -5.93
CA TYR A 289 -2.13 18.57 -4.53
C TYR A 289 -3.23 19.30 -3.79
N LEU A 290 -4.48 19.21 -4.25
CA LEU A 290 -5.59 19.93 -3.63
C LEU A 290 -6.63 18.94 -3.13
N THR A 291 -6.76 18.83 -1.81
CA THR A 291 -7.76 17.98 -1.17
C THR A 291 -8.90 18.84 -0.62
N ASP A 292 -9.92 18.17 -0.09
CA ASP A 292 -11.08 18.83 0.52
C ASP A 292 -10.89 19.01 2.02
N TYR A 293 -11.41 20.13 2.54
CA TYR A 293 -11.48 20.31 3.97
C TYR A 293 -12.79 21.01 4.34
N PHE A 294 -13.21 20.79 5.58
CA PHE A 294 -14.27 21.59 6.18
C PHE A 294 -14.00 21.75 7.68
N ILE A 295 -14.59 22.81 8.24
CA ILE A 295 -14.52 23.10 9.66
C ILE A 295 -15.98 23.27 10.08
N TRP A 296 -16.49 22.31 10.85
CA TRP A 296 -17.92 22.19 11.14
C TRP A 296 -18.12 22.08 12.64
N SER A 297 -19.02 22.90 13.18
CA SER A 297 -19.45 22.84 14.58
C SER A 297 -20.84 22.24 14.68
N ASN A 298 -21.14 21.69 15.85
CA ASN A 298 -22.40 20.98 16.05
C ASN A 298 -23.56 21.89 16.42
N GLY A 299 -23.34 23.20 16.42
CA GLY A 299 -24.43 24.14 16.59
C GLY A 299 -24.62 24.94 15.33
N THR A 300 -24.63 26.26 15.44
CA THR A 300 -24.76 27.14 14.28
C THR A 300 -23.37 27.37 13.68
N ASN A 301 -23.31 27.34 12.36
CA ASN A 301 -22.04 27.49 11.65
C ASN A 301 -22.05 28.76 10.82
N GLU A 302 -21.01 29.56 10.97
CA GLU A 302 -20.68 30.56 9.97
C GLU A 302 -20.01 29.86 8.79
N LYS A 303 -19.84 30.61 7.70
CA LYS A 303 -19.10 30.12 6.55
C LYS A 303 -18.10 31.23 6.21
N LYS A 304 -16.89 31.10 6.74
CA LYS A 304 -15.83 32.05 6.46
C LYS A 304 -15.23 31.73 5.10
N ASN A 305 -14.75 32.77 4.42
CA ASN A 305 -14.28 32.64 3.03
C ASN A 305 -12.81 32.28 3.05
N HIS A 306 -12.51 30.99 2.86
CA HIS A 306 -11.13 30.49 2.80
C HIS A 306 -11.08 29.38 1.75
N PRO A 307 -11.16 29.75 0.46
CA PRO A 307 -11.31 28.70 -0.57
C PRO A 307 -10.10 27.80 -0.73
N LEU A 308 -8.91 28.26 -0.36
CA LEU A 308 -7.68 27.50 -0.55
C LEU A 308 -6.75 27.90 0.59
N ILE A 309 -6.45 26.93 1.45
CA ILE A 309 -5.55 27.15 2.58
C ILE A 309 -4.60 25.96 2.68
N ASN A 310 -3.64 26.08 3.60
CA ASN A 310 -2.66 25.04 3.85
C ASN A 310 -3.04 24.29 5.11
N SER A 311 -2.49 23.08 5.27
CA SER A 311 -2.74 22.31 6.48
C SER A 311 -2.32 23.07 7.74
N SER A 312 -1.26 23.87 7.64
CA SER A 312 -0.75 24.63 8.77
C SER A 312 -1.68 25.74 9.20
N ASP A 313 -2.66 26.10 8.37
CA ASP A 313 -3.60 27.18 8.65
C ASP A 313 -4.81 26.74 9.46
N PHE A 314 -4.99 25.43 9.70
CA PHE A 314 -6.25 24.97 10.25
C PHE A 314 -6.53 25.57 11.62
N THR A 315 -5.51 25.66 12.49
CA THR A 315 -5.77 26.15 13.85
C THR A 315 -6.23 27.60 13.83
N ALA A 316 -5.56 28.46 13.07
CA ALA A 316 -6.04 29.83 12.97
C ALA A 316 -7.46 29.87 12.42
N ALA A 317 -7.75 29.03 11.43
CA ALA A 317 -9.09 29.01 10.89
C ALA A 317 -10.10 28.49 11.90
N LEU A 318 -9.66 27.57 12.77
CA LEU A 318 -10.55 27.05 13.81
C LEU A 318 -10.88 28.13 14.83
N PHE A 319 -9.88 28.89 15.26
CA PHE A 319 -10.15 30.00 16.16
C PHE A 319 -11.13 30.98 15.53
N GLU A 320 -10.94 31.30 14.26
CA GLU A 320 -11.85 32.25 13.61
C GLU A 320 -13.25 31.67 13.51
N HIS A 321 -13.37 30.41 13.10
CA HIS A 321 -14.69 29.81 12.90
C HIS A 321 -15.47 29.77 14.20
N THR A 322 -14.80 29.44 15.31
CA THR A 322 -15.43 29.37 16.61
C THR A 322 -15.43 30.70 17.36
N ASP A 323 -14.92 31.78 16.76
CA ASP A 323 -14.88 33.10 17.38
C ASP A 323 -14.15 33.09 18.72
N SER A 324 -13.04 32.34 18.77
CA SER A 324 -12.26 32.18 20.00
C SER A 324 -11.10 33.18 20.06
N LYS A 325 -10.82 33.65 21.27
CA LYS A 325 -9.72 34.56 21.49
C LYS A 325 -8.38 33.89 21.21
N VAL A 326 -7.44 34.70 20.71
CA VAL A 326 -6.15 34.20 20.23
C VAL A 326 -5.03 34.59 21.16
N SER A 327 -3.97 33.79 21.12
CA SER A 327 -2.66 34.21 21.61
C SER A 327 -1.97 35.06 20.56
N PRO A 328 -0.91 35.77 20.93
CA PRO A 328 -0.10 36.45 19.92
C PRO A 328 0.36 35.52 18.80
N TYR A 329 0.79 34.31 19.15
CA TYR A 329 1.14 33.30 18.14
C TYR A 329 -0.01 33.08 17.16
N TYR A 330 -1.23 32.86 17.65
CA TYR A 330 -2.36 32.63 16.75
C TYR A 330 -2.84 33.90 16.06
N ALA A 331 -2.53 35.08 16.60
CA ALA A 331 -2.74 36.32 15.86
C ALA A 331 -1.83 36.37 14.62
N LEU A 332 -0.55 36.07 14.79
CA LEU A 332 0.34 35.94 13.64
C LEU A 332 -0.19 34.92 12.65
N LEU A 333 -0.60 33.76 13.16
CA LEU A 333 -1.09 32.71 12.26
C LEU A 333 -2.40 33.10 11.59
N THR A 334 -3.19 33.98 12.23
CA THR A 334 -4.37 34.52 11.55
C THR A 334 -3.98 35.45 10.42
N GLU A 335 -2.95 36.27 10.62
CA GLU A 335 -2.41 37.09 9.54
C GLU A 335 -1.89 36.22 8.39
N VAL A 336 -1.22 35.11 8.71
CA VAL A 336 -0.80 34.18 7.67
C VAL A 336 -2.00 33.63 6.93
N LEU A 337 -2.98 33.10 7.67
CA LEU A 337 -4.17 32.54 7.04
C LEU A 337 -4.79 33.52 6.06
N ASN A 338 -4.94 34.78 6.47
CA ASN A 338 -5.68 35.74 5.66
C ASN A 338 -4.85 36.41 4.60
N LYS A 339 -3.55 36.63 4.84
CA LYS A 339 -2.79 37.50 3.95
C LYS A 339 -1.49 36.91 3.40
N ALA A 340 -1.06 35.73 3.85
CA ALA A 340 0.28 35.30 3.47
C ALA A 340 0.38 33.80 3.27
N SER A 341 -0.71 33.12 2.92
CA SER A 341 -0.63 31.68 2.77
C SER A 341 -0.61 31.24 1.30
N VAL A 342 -0.91 29.96 1.06
CA VAL A 342 -0.65 29.34 -0.23
C VAL A 342 -1.56 29.80 -1.35
N ASP A 343 -2.61 30.55 -1.03
CA ASP A 343 -3.47 31.13 -2.06
C ASP A 343 -2.95 32.44 -2.59
N LYS A 344 -1.91 33.00 -1.98
CA LYS A 344 -1.32 34.28 -2.34
C LYS A 344 -0.01 34.05 -3.10
N SER A 345 0.46 35.08 -3.76
CA SER A 345 1.72 34.96 -4.48
C SER A 345 2.89 35.02 -3.51
N PRO A 346 3.84 34.07 -3.57
CA PRO A 346 4.99 34.15 -2.66
C PRO A 346 5.90 35.33 -2.94
N ASP A 347 5.76 35.97 -4.10
CA ASP A 347 6.54 37.16 -4.44
C ASP A 347 5.88 38.45 -3.96
N SER A 348 4.71 38.37 -3.36
CA SER A 348 4.02 39.57 -2.91
C SER A 348 4.74 40.18 -1.71
N PRO A 349 5.06 41.46 -1.73
CA PRO A 349 5.72 42.06 -0.55
C PRO A 349 4.99 41.86 0.76
N GLU A 350 3.66 41.94 0.76
CA GLU A 350 2.95 41.71 2.00
C GLU A 350 3.09 40.27 2.46
N VAL A 351 2.98 39.32 1.53
CA VAL A 351 3.18 37.92 1.89
C VAL A 351 4.57 37.72 2.49
N LYS A 352 5.58 38.30 1.85
CA LYS A 352 6.95 38.11 2.31
C LYS A 352 7.17 38.71 3.69
N ALA A 353 6.55 39.86 3.96
CA ALA A 353 6.74 40.51 5.25
C ALA A 353 6.17 39.66 6.37
N ILE A 354 4.95 39.17 6.20
CA ILE A 354 4.34 38.32 7.20
C ILE A 354 5.09 36.99 7.32
N GLN A 355 5.54 36.44 6.19
CA GLN A 355 6.31 35.20 6.24
C GLN A 355 7.63 35.40 6.97
N ASN A 356 8.23 36.60 6.88
CA ASN A 356 9.45 36.84 7.63
C ASN A 356 9.16 36.80 9.13
N ASP A 357 8.03 37.37 9.56
CA ASP A 357 7.63 37.22 10.95
C ASP A 357 7.52 35.74 11.32
N LEU A 358 6.80 34.97 10.49
CA LEU A 358 6.59 33.56 10.77
C LEU A 358 7.90 32.78 10.77
N LYS A 359 8.78 33.02 9.79
CA LYS A 359 10.02 32.25 9.70
C LYS A 359 10.89 32.47 10.93
N ASN A 360 10.94 33.70 11.44
CA ASN A 360 11.73 33.96 12.64
C ASN A 360 11.19 33.20 13.83
N ILE A 361 9.86 33.16 13.99
CA ILE A 361 9.25 32.38 15.08
C ILE A 361 9.53 30.90 14.89
N GLN A 362 9.32 30.42 13.67
CA GLN A 362 9.47 29.00 13.34
C GLN A 362 10.90 28.55 13.54
N TYR A 363 11.87 29.37 13.15
CA TYR A 363 13.26 29.04 13.42
C TYR A 363 13.52 29.06 14.91
N ASP A 364 13.02 30.08 15.61
CA ASP A 364 13.34 30.22 17.03
C ASP A 364 12.93 28.98 17.82
N VAL A 365 11.76 28.40 17.51
CA VAL A 365 11.23 27.30 18.28
C VAL A 365 11.70 25.93 17.78
N THR A 366 12.43 25.86 16.68
CA THR A 366 12.90 24.56 16.19
C THR A 366 14.39 24.42 16.45
N ILE A 367 15.22 24.97 15.57
CA ILE A 367 16.65 24.83 15.71
C ILE A 367 17.34 26.11 16.14
N GLY A 368 16.59 27.16 16.43
CA GLY A 368 17.15 28.42 16.88
C GLY A 368 17.43 28.48 18.37
N LYS A 369 17.48 29.71 18.88
CA LYS A 369 18.01 30.02 20.19
C LYS A 369 16.98 30.04 21.30
N GLY A 370 15.69 29.95 20.98
CA GLY A 370 14.68 30.02 22.01
C GLY A 370 14.56 31.38 22.64
N TYR A 371 14.73 32.45 21.84
CA TYR A 371 14.56 33.80 22.33
C TYR A 371 13.15 34.03 22.85
N LEU A 372 12.16 33.28 22.35
CA LEU A 372 10.78 33.50 22.78
C LEU A 372 10.57 33.12 24.24
N LEU A 373 11.52 32.42 24.87
CA LEU A 373 11.36 32.07 26.28
C LEU A 373 11.29 33.30 27.16
N LYS A 374 11.79 34.43 26.69
CA LYS A 374 11.74 35.68 27.43
C LYS A 374 10.44 36.43 27.18
N HIS A 375 9.60 35.98 26.26
CA HIS A 375 8.33 36.64 25.94
C HIS A 375 7.22 35.71 26.41
N LYS A 376 6.89 35.83 27.69
CA LYS A 376 6.13 34.81 28.40
C LYS A 376 4.66 34.74 27.96
N THR A 377 4.12 35.78 27.34
CA THR A 377 2.72 35.76 26.92
C THR A 377 2.55 35.45 25.44
N PHE A 378 3.63 35.16 24.71
CA PHE A 378 3.50 35.04 23.27
C PHE A 378 2.57 33.88 22.90
N PHE A 379 2.65 32.77 23.63
CA PHE A 379 1.81 31.61 23.33
C PHE A 379 0.59 31.52 24.23
N LYS A 380 0.39 32.49 25.11
CA LYS A 380 -0.75 32.48 26.01
C LYS A 380 -1.90 33.26 25.41
N ILE A 381 -3.13 32.88 25.78
CA ILE A 381 -4.30 33.52 25.21
C ILE A 381 -4.45 34.92 25.77
N GLY B 1 1.72 -4.23 -30.71
CA GLY B 1 1.17 -5.52 -30.33
C GLY B 1 1.78 -6.05 -29.05
N ALA B 2 1.19 -7.12 -28.50
CA ALA B 2 1.69 -7.66 -27.26
C ALA B 2 2.94 -8.50 -27.45
N MET B 3 3.28 -8.85 -28.69
CA MET B 3 4.45 -9.68 -28.94
C MET B 3 4.88 -9.52 -30.39
N GLU B 4 6.19 -9.52 -30.63
CA GLU B 4 6.72 -9.48 -31.97
C GLU B 4 6.60 -10.86 -32.62
N LYS B 5 6.18 -10.88 -33.89
CA LYS B 5 6.14 -12.12 -34.64
C LYS B 5 7.56 -12.60 -34.97
N PRO B 6 7.94 -13.82 -34.60
CA PRO B 6 9.25 -14.31 -35.00
C PRO B 6 9.37 -14.36 -36.53
N THR B 7 10.58 -14.08 -37.03
CA THR B 7 10.75 -13.95 -38.48
C THR B 7 10.41 -15.25 -39.21
N ASN B 8 10.60 -16.39 -38.56
CA ASN B 8 10.34 -17.69 -39.17
C ASN B 8 8.99 -18.28 -38.75
N TYR B 9 8.10 -17.48 -38.18
CA TYR B 9 6.79 -17.99 -37.78
C TYR B 9 6.00 -18.43 -39.01
N SER B 10 5.47 -19.66 -38.95
CA SER B 10 4.70 -20.22 -40.06
C SER B 10 4.11 -21.55 -39.59
N GLN B 11 3.14 -22.05 -40.36
CA GLN B 11 2.56 -23.36 -40.07
C GLN B 11 3.63 -24.45 -40.07
N GLU B 12 4.57 -24.37 -41.05
CA GLU B 12 5.61 -25.38 -41.14
C GLU B 12 6.60 -25.28 -39.98
N THR B 13 6.94 -24.06 -39.56
CA THR B 13 7.81 -23.90 -38.40
C THR B 13 7.18 -24.50 -37.14
N ILE B 14 5.89 -24.23 -36.92
CA ILE B 14 5.20 -24.81 -35.76
C ILE B 14 5.16 -26.34 -35.86
N ALA B 15 4.94 -26.88 -37.07
CA ALA B 15 4.95 -28.32 -37.24
C ALA B 15 6.32 -28.90 -36.90
N SER B 16 7.39 -28.22 -37.32
CA SER B 16 8.73 -28.73 -37.03
C SER B 16 9.01 -28.72 -35.55
N ILE B 17 8.63 -27.64 -34.85
CA ILE B 17 8.80 -27.56 -33.40
C ILE B 17 8.00 -28.65 -32.71
N ALA B 18 6.73 -28.82 -33.11
CA ALA B 18 5.89 -29.84 -32.49
C ALA B 18 6.50 -31.24 -32.64
N GLN B 19 7.06 -31.54 -33.82
CA GLN B 19 7.65 -32.86 -34.02
C GLN B 19 8.89 -33.01 -33.14
N LYS B 20 9.71 -31.97 -33.09
CA LYS B 20 10.94 -32.03 -32.30
C LYS B 20 10.64 -32.33 -30.85
N TYR B 21 9.65 -31.65 -30.27
CA TYR B 21 9.36 -31.81 -28.85
C TYR B 21 8.48 -33.02 -28.57
N GLN B 22 7.77 -33.54 -29.57
CA GLN B 22 7.15 -34.86 -29.41
C GLN B 22 8.23 -35.91 -29.15
N LYS B 23 9.27 -35.91 -29.98
CA LYS B 23 10.38 -36.83 -29.78
C LYS B 23 11.06 -36.61 -28.44
N LEU B 24 11.31 -35.33 -28.08
CA LEU B 24 12.05 -35.10 -26.85
C LEU B 24 11.23 -35.52 -25.64
N ALA B 25 9.92 -35.27 -25.65
CA ALA B 25 9.07 -35.71 -24.55
C ALA B 25 9.14 -37.22 -24.38
N GLU B 26 9.08 -37.96 -25.49
CA GLU B 26 9.19 -39.41 -25.42
C GLU B 26 10.52 -39.83 -24.81
N ASP B 27 11.61 -39.14 -25.19
CA ASP B 27 12.91 -39.48 -24.64
C ASP B 27 12.96 -39.17 -23.15
N ILE B 28 12.52 -37.96 -22.77
CA ILE B 28 12.50 -37.58 -21.35
C ILE B 28 11.70 -38.58 -20.55
N ASN B 29 10.54 -38.99 -21.07
CA ASN B 29 9.61 -39.77 -20.26
C ASN B 29 10.07 -41.19 -20.02
N LYS B 30 11.03 -41.69 -20.80
CA LYS B 30 11.63 -42.98 -20.51
C LYS B 30 12.24 -43.01 -19.11
N ASP B 31 12.60 -41.84 -18.55
CA ASP B 31 13.25 -41.76 -17.26
C ASP B 31 12.43 -40.97 -16.24
N ARG B 32 11.13 -40.84 -16.49
CA ARG B 32 10.22 -40.19 -15.54
C ARG B 32 9.20 -41.22 -15.07
N LYS B 33 9.16 -41.50 -13.77
CA LYS B 33 8.32 -42.57 -13.25
C LYS B 33 6.87 -42.14 -13.03
N ASN B 34 6.64 -40.86 -12.75
CA ASN B 34 5.41 -40.44 -12.12
C ASN B 34 4.50 -39.68 -13.07
N ASN B 35 3.25 -39.55 -12.65
CA ASN B 35 2.23 -38.79 -13.36
C ASN B 35 1.91 -37.54 -12.55
N ILE B 36 1.95 -36.37 -13.20
CA ILE B 36 1.61 -35.13 -12.50
C ILE B 36 0.19 -35.21 -11.97
N ALA B 37 -0.72 -35.86 -12.70
CA ALA B 37 -2.12 -35.92 -12.31
C ALA B 37 -2.36 -36.73 -11.04
N ASP B 38 -1.36 -37.48 -10.57
CA ASP B 38 -1.46 -38.24 -9.33
C ASP B 38 -1.02 -37.43 -8.13
N GLN B 39 -0.56 -36.21 -8.31
CA GLN B 39 -0.01 -35.41 -7.24
C GLN B 39 -0.83 -34.16 -7.08
N THR B 40 -1.13 -33.81 -5.83
CA THR B 40 -1.76 -32.53 -5.55
C THR B 40 -0.67 -31.47 -5.50
N VAL B 41 -0.93 -30.37 -6.19
CA VAL B 41 0.05 -29.31 -6.38
C VAL B 41 -0.51 -27.98 -5.89
N ILE B 42 0.32 -27.25 -5.15
CA ILE B 42 -0.04 -25.97 -4.56
C ILE B 42 0.97 -24.94 -5.03
N TYR B 43 0.52 -23.98 -5.83
CA TYR B 43 1.36 -22.84 -6.20
C TYR B 43 1.08 -21.73 -5.19
N LEU B 44 2.10 -21.37 -4.42
CA LEU B 44 1.94 -20.49 -3.27
C LEU B 44 2.76 -19.23 -3.52
N LEU B 45 2.09 -18.19 -4.03
CA LEU B 45 2.72 -16.89 -4.23
C LEU B 45 2.68 -16.18 -2.87
N SER B 46 3.85 -16.02 -2.26
CA SER B 46 3.99 -15.41 -0.95
C SER B 46 4.31 -13.94 -1.19
N GLU B 47 3.28 -13.10 -1.06
CA GLU B 47 3.37 -11.70 -1.42
C GLU B 47 4.57 -11.02 -0.79
N SER B 48 5.38 -10.41 -1.65
CA SER B 48 6.52 -9.59 -1.24
C SER B 48 7.58 -10.34 -0.43
N LEU B 49 7.63 -11.66 -0.46
CA LEU B 49 8.60 -12.39 0.35
C LEU B 49 9.97 -12.46 -0.29
N SER B 50 10.98 -11.94 0.42
CA SER B 50 12.36 -12.06 -0.04
C SER B 50 13.28 -11.81 1.14
N ASP B 51 14.28 -12.67 1.29
CA ASP B 51 15.17 -12.60 2.45
C ASP B 51 15.90 -11.27 2.52
N PRO B 52 15.69 -10.48 3.57
CA PRO B 52 16.43 -9.22 3.68
C PRO B 52 17.94 -9.41 3.78
N ASP B 53 18.40 -10.60 4.18
CA ASP B 53 19.84 -10.85 4.30
C ASP B 53 20.56 -10.67 2.96
N ARG B 54 19.85 -10.83 1.84
CA ARG B 54 20.49 -10.65 0.55
C ARG B 54 20.65 -9.18 0.16
N VAL B 55 20.05 -8.27 0.90
CA VAL B 55 20.19 -6.84 0.63
C VAL B 55 21.41 -6.34 1.40
N SER B 56 22.48 -5.99 0.67
CA SER B 56 23.80 -5.91 1.27
C SER B 56 23.88 -4.93 2.42
N ASN B 57 23.22 -3.79 2.29
CA ASN B 57 23.40 -2.73 3.27
C ASN B 57 22.41 -2.81 4.42
N VAL B 58 21.68 -3.92 4.54
CA VAL B 58 20.68 -4.12 5.59
C VAL B 58 21.28 -4.94 6.72
N THR B 59 20.87 -4.62 7.95
CA THR B 59 21.16 -5.45 9.11
C THR B 59 19.84 -5.73 9.80
N VAL B 60 19.57 -6.99 10.09
CA VAL B 60 18.41 -7.39 10.89
C VAL B 60 18.93 -8.05 12.16
N SER B 61 18.28 -7.76 13.28
CA SER B 61 18.76 -8.23 14.58
C SER B 61 18.74 -9.74 14.68
N HIS B 62 17.82 -10.37 13.96
CA HIS B 62 17.65 -11.81 14.00
C HIS B 62 17.36 -12.29 12.60
N ASP B 63 17.63 -13.57 12.35
CA ASP B 63 17.15 -14.21 11.13
C ASP B 63 15.64 -14.29 11.20
N VAL B 64 14.95 -13.75 10.18
CA VAL B 64 13.49 -13.78 10.14
C VAL B 64 12.96 -14.84 9.21
N LEU B 65 13.84 -15.57 8.51
CA LEU B 65 13.42 -16.68 7.66
C LEU B 65 14.19 -17.95 8.01
N PRO B 66 14.42 -18.27 9.29
CA PRO B 66 15.18 -19.49 9.58
C PRO B 66 14.50 -20.77 9.13
N ASN B 67 13.19 -20.88 9.27
CA ASN B 67 12.52 -22.10 8.84
C ASN B 67 12.51 -22.22 7.32
N ILE B 68 12.24 -21.11 6.63
CA ILE B 68 12.21 -21.16 5.17
C ILE B 68 13.59 -21.43 4.62
N LYS B 69 14.64 -20.93 5.27
CA LYS B 69 16.00 -21.23 4.84
C LYS B 69 16.29 -22.72 5.00
N ALA B 70 15.85 -23.30 6.11
CA ALA B 70 16.03 -24.73 6.32
C ALA B 70 15.26 -25.54 5.30
N ILE B 71 14.03 -25.11 4.98
CA ILE B 71 13.26 -25.78 3.93
C ILE B 71 14.02 -25.74 2.61
N LYS B 72 14.53 -24.55 2.24
CA LYS B 72 15.27 -24.40 0.98
C LYS B 72 16.49 -25.32 0.95
N ASN B 73 17.18 -25.48 2.08
CA ASN B 73 18.35 -26.35 2.09
C ASN B 73 17.97 -27.82 1.94
N SER B 74 16.71 -28.18 2.14
CA SER B 74 16.27 -29.56 2.17
C SER B 74 15.68 -30.06 0.84
N THR B 75 15.53 -29.18 -0.14
CA THR B 75 14.79 -29.54 -1.34
C THR B 75 15.26 -28.64 -2.47
N THR B 76 14.74 -28.87 -3.67
CA THR B 76 15.02 -28.00 -4.80
C THR B 76 14.60 -26.58 -4.49
N ALA B 77 15.54 -25.64 -4.58
CA ALA B 77 15.28 -24.29 -4.11
C ALA B 77 16.38 -23.37 -4.63
N GLY B 78 16.08 -22.07 -4.59
CA GLY B 78 17.06 -21.09 -5.01
C GLY B 78 16.46 -19.70 -5.06
N LEU B 79 16.90 -18.93 -6.04
CA LEU B 79 16.41 -17.59 -6.26
C LEU B 79 15.58 -17.56 -7.53
N MET B 80 14.55 -16.72 -7.52
CA MET B 80 13.70 -16.47 -8.66
C MET B 80 13.94 -15.06 -9.17
N GLN B 81 14.13 -14.93 -10.48
CA GLN B 81 14.17 -13.63 -11.13
C GLN B 81 12.77 -13.07 -11.22
N SER B 82 12.55 -11.91 -10.60
CA SER B 82 11.29 -11.19 -10.71
C SER B 82 11.40 -10.16 -11.82
N ASP B 83 10.29 -9.86 -12.44
CA ASP B 83 10.23 -8.85 -13.50
C ASP B 83 9.95 -7.46 -12.99
N SER B 84 9.72 -7.25 -11.70
CA SER B 84 9.37 -5.93 -11.21
C SER B 84 9.73 -5.83 -9.73
N TYR B 85 9.57 -4.62 -9.19
CA TYR B 85 9.92 -4.29 -7.81
C TYR B 85 8.73 -3.63 -7.14
N GLY B 86 8.38 -4.08 -5.94
CA GLY B 86 7.31 -3.43 -5.20
C GLY B 86 5.92 -3.63 -5.77
N GLY B 87 5.78 -4.49 -6.75
CA GLY B 87 4.50 -4.75 -7.37
C GLY B 87 4.70 -5.67 -8.56
N GLY B 88 3.59 -6.04 -9.18
CA GLY B 88 3.60 -6.92 -10.33
C GLY B 88 3.17 -8.35 -10.06
N THR B 89 2.56 -8.59 -8.90
CA THR B 89 2.10 -9.90 -8.48
C THR B 89 1.49 -10.73 -9.60
N ALA B 90 0.47 -10.19 -10.25
CA ALA B 90 -0.31 -10.93 -11.22
C ALA B 90 0.51 -11.31 -12.44
N ASN B 91 1.56 -10.55 -12.74
CA ASN B 91 2.41 -10.92 -13.86
C ASN B 91 3.27 -12.14 -13.55
N MET B 92 3.85 -12.21 -12.34
CA MET B 92 4.57 -13.43 -11.99
C MET B 92 3.62 -14.61 -11.91
N GLU B 93 2.44 -14.38 -11.36
CA GLU B 93 1.43 -15.43 -11.27
C GLU B 93 1.08 -15.99 -12.65
N PHE B 94 0.81 -15.12 -13.62
CA PHE B 94 0.53 -15.58 -14.98
C PHE B 94 1.63 -16.48 -15.51
N GLN B 95 2.88 -16.09 -15.26
CA GLN B 95 4.02 -16.85 -15.76
C GLN B 95 4.12 -18.20 -15.09
N THR B 96 3.80 -18.26 -13.79
CA THR B 96 3.84 -19.58 -13.14
C THR B 96 2.83 -20.51 -13.76
N LEU B 97 1.63 -20.02 -14.07
CA LEU B 97 0.56 -20.90 -14.53
C LEU B 97 0.76 -21.33 -15.98
N THR B 98 1.16 -20.40 -16.86
CA THR B 98 1.26 -20.67 -18.28
C THR B 98 2.66 -21.11 -18.70
N SER B 99 3.68 -20.73 -17.94
CA SER B 99 5.08 -20.91 -18.27
C SER B 99 5.55 -20.07 -19.45
N LEU B 100 4.79 -19.07 -19.86
CA LEU B 100 5.20 -18.18 -20.94
C LEU B 100 5.89 -16.96 -20.35
N PRO B 101 7.16 -16.71 -20.68
CA PRO B 101 7.90 -15.67 -19.96
C PRO B 101 7.57 -14.26 -20.41
N PHE B 102 7.44 -13.38 -19.41
CA PHE B 102 7.23 -11.96 -19.68
C PHE B 102 8.33 -11.41 -20.58
N TYR B 103 9.58 -11.89 -20.42
CA TYR B 103 10.70 -11.32 -21.17
C TYR B 103 10.55 -11.50 -22.68
N ASN B 104 9.64 -12.37 -23.14
CA ASN B 104 9.42 -12.48 -24.58
C ASN B 104 8.22 -11.68 -25.07
N PHE B 105 7.44 -11.08 -24.17
CA PHE B 105 6.37 -10.20 -24.60
C PHE B 105 6.90 -8.79 -24.80
N SER B 106 6.09 -7.96 -25.46
CA SER B 106 6.47 -6.57 -25.68
C SER B 106 6.62 -5.83 -24.36
N SER B 107 7.60 -4.91 -24.32
CA SER B 107 7.80 -4.08 -23.14
C SER B 107 6.60 -3.17 -22.88
N SER B 108 5.73 -2.97 -23.87
CA SER B 108 4.58 -2.12 -23.68
C SER B 108 3.50 -2.75 -22.81
N VAL B 109 3.56 -4.06 -22.59
CA VAL B 109 2.53 -4.76 -21.83
C VAL B 109 2.69 -4.48 -20.34
N SER B 110 1.62 -4.03 -19.71
CA SER B 110 1.67 -3.73 -18.28
C SER B 110 1.20 -4.90 -17.43
N VAL B 111 0.04 -5.46 -17.73
CA VAL B 111 -0.56 -6.54 -16.93
C VAL B 111 -0.98 -7.65 -17.88
N LEU B 112 -0.32 -8.81 -17.76
CA LEU B 112 -0.59 -9.92 -18.65
C LEU B 112 -2.02 -10.42 -18.54
N TYR B 113 -2.58 -10.43 -17.33
CA TYR B 113 -3.95 -10.89 -17.18
C TYR B 113 -4.96 -10.00 -17.90
N SER B 114 -4.61 -8.74 -18.16
CA SER B 114 -5.52 -7.83 -18.85
C SER B 114 -5.27 -7.76 -20.34
N GLU B 115 -4.01 -7.91 -20.76
CA GLU B 115 -3.61 -7.61 -22.13
C GLU B 115 -3.22 -8.82 -22.96
N VAL B 116 -2.90 -9.94 -22.33
CA VAL B 116 -2.51 -11.15 -23.05
C VAL B 116 -3.48 -12.29 -22.77
N PHE B 117 -3.77 -12.56 -21.52
CA PHE B 117 -4.64 -13.69 -21.19
C PHE B 117 -5.95 -13.65 -21.96
N PRO B 118 -6.66 -12.52 -22.04
CA PRO B 118 -7.94 -12.52 -22.75
C PRO B 118 -7.83 -12.77 -24.24
N LYS B 119 -6.63 -12.74 -24.82
CA LYS B 119 -6.43 -13.00 -26.24
C LYS B 119 -6.06 -14.45 -26.52
N MET B 120 -5.93 -15.28 -25.50
CA MET B 120 -5.49 -16.67 -25.68
C MET B 120 -6.68 -17.58 -25.97
N ALA B 121 -6.70 -18.16 -27.18
CA ALA B 121 -7.84 -18.98 -27.60
C ALA B 121 -8.07 -20.16 -26.67
N LYS B 122 -7.00 -20.81 -26.23
CA LYS B 122 -7.12 -21.98 -25.34
C LYS B 122 -5.90 -21.98 -24.43
N PRO B 123 -5.96 -21.25 -23.32
CA PRO B 123 -4.76 -21.04 -22.49
C PRO B 123 -4.36 -22.31 -21.76
N HIS B 124 -3.18 -22.84 -22.09
CA HIS B 124 -2.66 -24.02 -21.42
C HIS B 124 -1.93 -23.67 -20.15
N THR B 125 -2.26 -24.39 -19.07
CA THR B 125 -1.64 -24.16 -17.78
C THR B 125 -1.50 -25.48 -17.04
N ILE B 126 -0.72 -25.43 -15.94
CA ILE B 126 -0.59 -26.58 -15.06
C ILE B 126 -1.95 -27.06 -14.56
N SER B 127 -2.93 -26.16 -14.43
CA SER B 127 -4.20 -26.54 -13.82
C SER B 127 -5.01 -27.51 -14.68
N GLU B 128 -4.70 -27.60 -15.98
CA GLU B 128 -5.53 -28.38 -16.88
C GLU B 128 -5.39 -29.88 -16.68
N PHE B 129 -4.38 -30.34 -15.94
CA PHE B 129 -4.24 -31.77 -15.69
C PHE B 129 -5.10 -32.27 -14.55
N TYR B 130 -5.86 -31.37 -13.93
CA TYR B 130 -6.73 -31.67 -12.82
C TYR B 130 -8.15 -31.41 -13.27
N GLN B 131 -9.10 -32.16 -12.70
CA GLN B 131 -10.50 -31.93 -12.98
C GLN B 131 -10.89 -30.55 -12.47
N GLY B 132 -11.84 -29.93 -13.18
CA GLY B 132 -12.28 -28.59 -12.80
C GLY B 132 -12.74 -28.50 -11.36
N LYS B 133 -13.46 -29.53 -10.89
CA LYS B 133 -13.95 -29.53 -9.52
C LYS B 133 -12.83 -29.54 -8.50
N ASN B 134 -11.60 -29.82 -8.93
CA ASN B 134 -10.44 -29.91 -8.06
C ASN B 134 -9.43 -28.80 -8.30
N ARG B 135 -9.85 -27.75 -9.02
CA ARG B 135 -9.03 -26.56 -9.21
C ARG B 135 -9.54 -25.48 -8.27
N ILE B 136 -8.67 -24.97 -7.39
CA ILE B 136 -9.06 -24.03 -6.35
C ILE B 136 -8.10 -22.84 -6.36
N ALA B 137 -8.64 -21.64 -6.39
CA ALA B 137 -7.86 -20.41 -6.27
C ALA B 137 -8.21 -19.70 -4.96
N MET B 138 -7.23 -18.96 -4.41
CA MET B 138 -7.43 -18.27 -3.14
C MET B 138 -6.64 -16.98 -3.11
N HIS B 139 -7.28 -15.89 -2.69
CA HIS B 139 -6.61 -14.61 -2.54
C HIS B 139 -7.36 -13.70 -1.59
N PRO B 140 -6.77 -13.24 -0.48
CA PRO B 140 -7.54 -12.41 0.48
C PRO B 140 -7.64 -10.93 0.12
N ALA B 141 -8.24 -10.66 -1.04
CA ALA B 141 -8.67 -9.32 -1.43
C ALA B 141 -9.82 -9.51 -2.41
N SER B 142 -10.08 -8.50 -3.23
CA SER B 142 -11.14 -8.64 -4.23
C SER B 142 -10.74 -9.62 -5.31
N ALA B 143 -11.66 -10.51 -5.66
CA ALA B 143 -11.45 -11.43 -6.78
C ALA B 143 -11.25 -10.71 -8.10
N ASN B 144 -11.74 -9.49 -8.23
CA ASN B 144 -11.64 -8.73 -9.46
C ASN B 144 -10.35 -7.96 -9.63
N ASN B 145 -9.51 -7.87 -8.59
CA ASN B 145 -8.21 -7.22 -8.77
C ASN B 145 -7.42 -7.98 -9.85
N PHE B 146 -6.79 -7.22 -10.74
CA PHE B 146 -5.96 -7.77 -11.82
C PHE B 146 -6.69 -8.83 -12.65
N ASN B 147 -8.01 -8.70 -12.77
CA ASN B 147 -8.82 -9.54 -13.65
C ASN B 147 -8.80 -11.00 -13.23
N ARG B 148 -8.48 -11.30 -11.96
CA ARG B 148 -8.31 -12.69 -11.57
C ARG B 148 -9.61 -13.48 -11.68
N LYS B 149 -10.75 -12.87 -11.35
CA LYS B 149 -12.00 -13.64 -11.39
C LYS B 149 -12.23 -14.20 -12.79
N THR B 150 -12.04 -13.37 -13.81
CA THR B 150 -12.20 -13.83 -15.18
C THR B 150 -11.17 -14.89 -15.52
N VAL B 151 -9.92 -14.70 -15.09
CA VAL B 151 -8.88 -15.69 -15.38
C VAL B 151 -9.27 -17.05 -14.83
N TYR B 152 -9.58 -17.11 -13.54
CA TYR B 152 -9.86 -18.41 -12.90
C TYR B 152 -11.18 -19.00 -13.36
N SER B 153 -12.17 -18.16 -13.66
CA SER B 153 -13.40 -18.66 -14.26
C SER B 153 -13.12 -19.28 -15.62
N ASN B 154 -12.37 -18.58 -16.46
CA ASN B 154 -12.08 -19.07 -17.80
C ASN B 154 -11.27 -20.36 -17.76
N LEU B 155 -10.40 -20.50 -16.75
CA LEU B 155 -9.63 -21.72 -16.56
C LEU B 155 -10.44 -22.82 -15.88
N GLY B 156 -11.72 -22.59 -15.61
CA GLY B 156 -12.56 -23.67 -15.11
C GLY B 156 -12.41 -24.00 -13.65
N PHE B 157 -11.99 -23.05 -12.83
CA PHE B 157 -11.78 -23.31 -11.41
C PHE B 157 -13.12 -23.44 -10.70
N SER B 158 -13.20 -24.40 -9.78
CA SER B 158 -14.42 -24.65 -9.02
C SER B 158 -14.65 -23.61 -7.94
N LYS B 159 -13.58 -23.06 -7.39
CA LYS B 159 -13.67 -22.14 -6.28
C LYS B 159 -12.59 -21.10 -6.44
N PHE B 160 -12.93 -19.88 -6.01
CA PHE B 160 -11.97 -18.77 -5.91
C PHE B 160 -12.29 -18.07 -4.59
N LEU B 161 -11.63 -18.50 -3.53
CA LEU B 161 -11.81 -17.88 -2.23
C LEU B 161 -11.25 -16.48 -2.28
N ALA B 162 -12.05 -15.50 -1.87
CA ALA B 162 -11.65 -14.10 -1.90
C ALA B 162 -12.37 -13.36 -0.79
N LEU B 163 -11.87 -12.17 -0.43
CA LEU B 163 -12.58 -11.36 0.55
C LEU B 163 -13.89 -10.81 -0.02
N SER B 164 -13.94 -10.57 -1.33
CA SER B 164 -15.13 -10.06 -1.98
C SER B 164 -15.02 -10.43 -3.45
N GLY B 165 -16.16 -10.39 -4.12
CA GLY B 165 -16.21 -10.61 -5.55
C GLY B 165 -16.42 -12.04 -6.00
N SER B 166 -16.56 -12.98 -5.08
CA SER B 166 -16.89 -14.34 -5.44
C SER B 166 -17.85 -14.92 -4.41
N LYS B 167 -18.37 -16.10 -4.72
CA LYS B 167 -19.24 -16.81 -3.80
C LYS B 167 -18.47 -17.57 -2.72
N ASP B 168 -17.15 -17.64 -2.83
CA ASP B 168 -16.35 -18.47 -1.94
C ASP B 168 -15.58 -17.56 -0.99
N LYS B 169 -15.68 -17.86 0.31
CA LYS B 169 -15.09 -17.03 1.35
C LYS B 169 -14.11 -17.84 2.19
N PHE B 170 -13.09 -17.16 2.71
CA PHE B 170 -12.22 -17.75 3.71
C PHE B 170 -12.99 -17.95 5.03
N LYS B 171 -12.63 -19.02 5.74
CA LYS B 171 -13.14 -19.28 7.07
C LYS B 171 -12.14 -18.82 8.13
N ASN B 172 -12.66 -18.41 9.28
CA ASN B 172 -11.84 -18.07 10.45
C ASN B 172 -10.75 -17.07 10.10
N ILE B 173 -11.19 -15.93 9.58
CA ILE B 173 -10.25 -14.90 9.13
C ILE B 173 -9.65 -14.21 10.33
N GLU B 174 -8.31 -14.09 10.33
CA GLU B 174 -7.58 -13.31 11.34
C GLU B 174 -6.54 -12.48 10.61
N ASN B 175 -6.27 -11.28 11.13
CA ASN B 175 -5.23 -10.43 10.60
C ASN B 175 -3.95 -10.58 11.43
N VAL B 176 -2.81 -10.59 10.74
CA VAL B 176 -1.50 -10.46 11.34
C VAL B 176 -0.85 -9.31 10.58
N GLY B 177 -0.56 -8.22 11.30
CA GLY B 177 -0.40 -6.93 10.63
C GLY B 177 -1.76 -6.39 10.26
N LEU B 178 -1.80 -5.53 9.24
CA LEU B 178 -3.05 -4.90 8.84
C LEU B 178 -3.95 -5.80 7.99
N LEU B 179 -3.40 -6.84 7.38
CA LEU B 179 -4.11 -7.60 6.35
C LEU B 179 -4.29 -9.07 6.78
N THR B 180 -4.97 -9.85 5.94
CA THR B 180 -5.29 -11.23 6.29
C THR B 180 -4.01 -12.05 6.48
N SER B 181 -3.97 -12.78 7.59
CA SER B 181 -2.77 -13.50 7.96
C SER B 181 -2.49 -14.66 7.00
N ASP B 182 -1.22 -14.98 6.85
CA ASP B 182 -0.86 -16.19 6.12
C ASP B 182 -1.39 -17.45 6.83
N LYS B 183 -1.43 -17.43 8.17
CA LYS B 183 -2.03 -18.54 8.90
C LYS B 183 -3.45 -18.83 8.41
N THR B 184 -4.27 -17.79 8.23
CA THR B 184 -5.62 -17.97 7.68
C THR B 184 -5.55 -18.66 6.33
N VAL B 185 -4.66 -18.20 5.46
CA VAL B 185 -4.59 -18.77 4.12
C VAL B 185 -4.19 -20.24 4.21
N TYR B 186 -3.16 -20.54 4.98
CA TYR B 186 -2.66 -21.90 5.07
C TYR B 186 -3.72 -22.82 5.66
N ASN B 187 -4.42 -22.37 6.70
CA ASN B 187 -5.43 -23.22 7.32
C ASN B 187 -6.63 -23.43 6.41
N ASN B 188 -6.93 -22.45 5.56
CA ASN B 188 -7.98 -22.66 4.57
C ASN B 188 -7.56 -23.64 3.50
N ILE B 189 -6.29 -23.60 3.07
CA ILE B 189 -5.79 -24.64 2.16
C ILE B 189 -5.99 -26.02 2.79
N LEU B 190 -5.52 -26.19 4.04
CA LEU B 190 -5.56 -27.50 4.67
C LEU B 190 -7.00 -28.02 4.78
N SER B 191 -7.94 -27.12 5.09
CA SER B 191 -9.32 -27.55 5.22
C SER B 191 -9.91 -28.01 3.91
N LEU B 192 -9.36 -27.57 2.78
CA LEU B 192 -9.88 -27.94 1.47
C LEU B 192 -9.16 -29.11 0.83
N ILE B 193 -8.02 -29.54 1.38
CA ILE B 193 -7.32 -30.69 0.83
C ILE B 193 -8.16 -31.94 1.05
N ASN B 194 -8.41 -32.67 -0.03
CA ASN B 194 -9.13 -33.93 0.00
C ASN B 194 -8.17 -35.00 -0.50
N PRO B 195 -7.66 -35.88 0.37
CA PRO B 195 -6.68 -36.88 -0.08
C PRO B 195 -7.22 -37.88 -1.08
N SER B 196 -8.53 -37.97 -1.27
CA SER B 196 -9.12 -38.86 -2.25
C SER B 196 -9.10 -38.29 -3.66
N GLU B 197 -8.65 -37.06 -3.82
CA GLU B 197 -8.58 -36.42 -5.12
C GLU B 197 -7.19 -35.88 -5.34
N SER B 198 -6.87 -35.64 -6.61
CA SER B 198 -5.72 -34.82 -6.98
C SER B 198 -6.21 -33.41 -7.25
N GLN B 199 -5.63 -32.44 -6.55
CA GLN B 199 -6.10 -31.06 -6.61
C GLN B 199 -4.97 -30.13 -7.01
N PHE B 200 -5.37 -29.01 -7.61
CA PHE B 200 -4.47 -27.91 -7.92
C PHE B 200 -4.96 -26.65 -7.22
N PHE B 201 -4.08 -26.02 -6.45
CA PHE B 201 -4.37 -24.78 -5.74
C PHE B 201 -3.48 -23.68 -6.30
N SER B 202 -4.08 -22.55 -6.63
CA SER B 202 -3.35 -21.35 -6.96
C SER B 202 -3.65 -20.33 -5.86
N VAL B 203 -2.62 -19.97 -5.10
CA VAL B 203 -2.78 -19.20 -3.88
C VAL B 203 -1.94 -17.95 -4.00
N ILE B 204 -2.55 -16.80 -3.64
CA ILE B 204 -1.87 -15.51 -3.67
C ILE B 204 -2.12 -14.88 -2.32
N THR B 205 -1.07 -14.77 -1.50
CA THR B 205 -1.28 -14.27 -0.15
C THR B 205 -1.40 -12.74 -0.16
N MET B 206 -1.69 -12.18 1.02
CA MET B 206 -1.79 -10.74 1.19
C MET B 206 -1.09 -10.20 2.43
N GLN B 207 -0.72 -11.04 3.40
CA GLN B 207 -0.30 -10.53 4.69
C GLN B 207 0.83 -9.53 4.55
N ASN B 208 1.82 -9.83 3.71
CA ASN B 208 3.03 -9.01 3.66
C ASN B 208 3.01 -7.97 2.55
N HIS B 209 1.82 -7.65 2.06
CA HIS B 209 1.64 -6.54 1.13
C HIS B 209 1.79 -5.21 1.85
N ILE B 210 2.35 -4.22 1.16
CA ILE B 210 2.40 -2.85 1.68
C ILE B 210 0.98 -2.37 1.98
N PRO B 211 0.73 -1.60 3.06
CA PRO B 211 1.66 -1.07 4.06
C PRO B 211 1.87 -2.07 5.21
N TRP B 212 3.07 -2.04 5.78
CA TRP B 212 3.47 -2.99 6.80
C TRP B 212 3.34 -2.35 8.18
N SER B 213 2.68 -3.05 9.08
CA SER B 213 2.47 -2.57 10.44
C SER B 213 2.54 -3.74 11.41
N SER B 214 3.52 -3.74 12.30
CA SER B 214 3.63 -4.77 13.31
C SER B 214 4.57 -4.30 14.40
N ASP B 215 4.10 -4.37 15.64
CA ASP B 215 4.95 -4.05 16.79
C ASP B 215 5.64 -5.27 17.37
N TYR B 216 5.26 -6.47 16.93
CA TYR B 216 5.83 -7.70 17.45
C TYR B 216 6.33 -8.55 16.31
N PRO B 217 7.36 -9.38 16.55
CA PRO B 217 8.13 -9.51 17.80
C PRO B 217 8.98 -8.26 18.06
N GLU B 218 8.91 -7.74 19.30
CA GLU B 218 9.57 -6.46 19.60
C GLU B 218 11.07 -6.57 19.44
N GLU B 219 11.63 -7.77 19.68
CA GLU B 219 13.08 -7.92 19.62
C GLU B 219 13.61 -7.86 18.20
N ILE B 220 12.75 -8.03 17.20
CA ILE B 220 13.20 -7.92 15.81
C ILE B 220 13.24 -6.45 15.43
N VAL B 221 14.46 -5.97 15.10
CA VAL B 221 14.67 -4.59 14.67
C VAL B 221 15.65 -4.63 13.51
N ALA B 222 15.48 -3.71 12.58
CA ALA B 222 16.27 -3.74 11.35
C ALA B 222 16.58 -2.33 10.90
N GLU B 223 17.69 -2.21 10.14
CA GLU B 223 18.05 -0.93 9.56
C GLU B 223 18.83 -1.15 8.27
N GLY B 224 18.98 -0.09 7.51
CA GLY B 224 19.89 -0.07 6.37
C GLY B 224 20.77 1.13 6.41
N LYS B 225 21.97 0.96 5.86
CA LYS B 225 22.92 2.05 5.77
C LYS B 225 22.30 3.22 5.03
N ASN B 226 22.40 4.40 5.62
CA ASN B 226 21.89 5.63 5.02
C ASN B 226 20.38 5.64 4.85
N PHE B 227 19.65 4.74 5.52
CA PHE B 227 18.20 4.75 5.42
C PHE B 227 17.60 5.88 6.27
N THR B 228 16.44 6.35 5.83
CA THR B 228 15.65 7.24 6.67
C THR B 228 14.98 6.44 7.79
N GLU B 229 14.49 7.18 8.79
CA GLU B 229 13.69 6.56 9.84
C GLU B 229 12.52 5.77 9.26
N GLU B 230 11.84 6.32 8.26
CA GLU B 230 10.70 5.64 7.65
C GLU B 230 11.11 4.35 6.96
N GLU B 231 12.22 4.39 6.23
CA GLU B 231 12.72 3.18 5.57
C GLU B 231 13.09 2.13 6.61
N ASN B 232 13.75 2.56 7.69
CA ASN B 232 14.12 1.60 8.74
C ASN B 232 12.89 1.00 9.39
N HIS B 233 11.87 1.82 9.62
CA HIS B 233 10.68 1.34 10.31
C HIS B 233 9.87 0.42 9.41
N ASN B 234 9.77 0.75 8.11
CA ASN B 234 9.14 -0.16 7.16
C ASN B 234 9.88 -1.49 7.12
N LEU B 235 11.21 -1.44 7.07
CA LEU B 235 12.00 -2.67 7.03
C LEU B 235 11.77 -3.49 8.30
N THR B 236 11.74 -2.82 9.45
CA THR B 236 11.50 -3.51 10.71
C THR B 236 10.12 -4.18 10.73
N SER B 237 9.08 -3.44 10.31
CA SER B 237 7.73 -3.98 10.34
C SER B 237 7.62 -5.16 9.39
N TYR B 238 8.21 -5.02 8.19
CA TYR B 238 8.22 -6.09 7.21
C TYR B 238 8.95 -7.33 7.74
N ALA B 239 10.12 -7.13 8.34
CA ALA B 239 10.87 -8.25 8.90
C ALA B 239 10.11 -8.96 9.99
N ARG B 240 9.41 -8.20 10.85
CA ARG B 240 8.56 -8.81 11.86
C ARG B 240 7.47 -9.68 11.24
N LEU B 241 6.83 -9.18 10.19
CA LEU B 241 5.76 -9.93 9.54
C LEU B 241 6.31 -11.16 8.85
N LEU B 242 7.53 -11.05 8.27
CA LEU B 242 8.16 -12.23 7.69
C LEU B 242 8.38 -13.31 8.72
N SER B 243 8.71 -12.92 9.97
CA SER B 243 8.99 -13.92 11.00
C SER B 243 7.75 -14.75 11.30
N PHE B 244 6.57 -14.14 11.22
CA PHE B 244 5.34 -14.91 11.39
C PHE B 244 5.11 -15.84 10.18
N THR B 245 5.28 -15.32 8.98
CA THR B 245 5.16 -16.16 7.79
C THR B 245 6.10 -17.35 7.88
N ASP B 246 7.32 -17.11 8.33
CA ASP B 246 8.31 -18.17 8.41
C ASP B 246 7.83 -19.29 9.32
N LYS B 247 7.32 -18.94 10.49
CA LYS B 247 6.82 -19.95 11.42
C LYS B 247 5.59 -20.64 10.88
N GLU B 248 4.65 -19.89 10.29
CA GLU B 248 3.41 -20.49 9.79
C GLU B 248 3.68 -21.39 8.57
N THR B 249 4.67 -21.04 7.76
CA THR B 249 5.04 -21.88 6.62
C THR B 249 5.57 -23.23 7.09
N ARG B 250 6.42 -23.24 8.13
CA ARG B 250 6.90 -24.50 8.67
C ARG B 250 5.73 -25.33 9.20
N ALA B 251 4.82 -24.70 9.95
CA ALA B 251 3.68 -25.43 10.49
C ALA B 251 2.81 -26.02 9.38
N PHE B 252 2.60 -25.24 8.31
CA PHE B 252 1.81 -25.68 7.17
C PHE B 252 2.43 -26.90 6.51
N LEU B 253 3.75 -26.87 6.23
CA LEU B 253 4.40 -28.02 5.61
C LEU B 253 4.35 -29.23 6.54
N GLU B 254 4.54 -29.02 7.85
CA GLU B 254 4.44 -30.12 8.79
C GLU B 254 3.07 -30.78 8.69
N LYS B 255 2.00 -29.98 8.58
CA LYS B 255 0.67 -30.58 8.42
C LYS B 255 0.57 -31.35 7.10
N LEU B 256 1.17 -30.85 6.02
CA LEU B 256 1.14 -31.57 4.77
C LEU B 256 1.85 -32.93 4.88
N THR B 257 2.88 -33.05 5.71
CA THR B 257 3.53 -34.36 5.85
C THR B 257 2.63 -35.40 6.49
N GLN B 258 1.58 -35.00 7.20
CA GLN B 258 0.67 -35.93 7.84
C GLN B 258 -0.49 -36.33 6.95
N ILE B 259 -0.55 -35.85 5.73
CA ILE B 259 -1.62 -36.18 4.80
C ILE B 259 -1.15 -37.31 3.90
N ASN B 260 -1.99 -38.33 3.75
CA ASN B 260 -1.67 -39.51 2.96
C ASN B 260 -2.04 -39.28 1.49
N LYS B 261 -1.27 -38.42 0.84
CA LYS B 261 -1.45 -38.04 -0.55
C LYS B 261 -0.15 -37.37 -0.96
N PRO B 262 0.38 -37.67 -2.15
CA PRO B 262 1.55 -36.91 -2.65
C PRO B 262 1.14 -35.48 -2.91
N ILE B 263 1.81 -34.54 -2.24
CA ILE B 263 1.55 -33.12 -2.34
C ILE B 263 2.88 -32.40 -2.55
N THR B 264 2.91 -31.50 -3.53
CA THR B 264 4.09 -30.66 -3.79
C THR B 264 3.67 -29.19 -3.78
N VAL B 265 4.47 -28.37 -3.10
CA VAL B 265 4.25 -26.93 -2.98
C VAL B 265 5.34 -26.23 -3.77
N VAL B 266 4.94 -25.32 -4.66
CA VAL B 266 5.85 -24.37 -5.31
C VAL B 266 5.62 -23.05 -4.59
N PHE B 267 6.62 -22.64 -3.81
CA PHE B 267 6.53 -21.49 -2.92
C PHE B 267 7.53 -20.44 -3.40
N TYR B 268 7.07 -19.21 -3.56
CA TYR B 268 7.96 -18.17 -4.03
C TYR B 268 7.45 -16.79 -3.63
N GLY B 269 8.41 -15.88 -3.47
CA GLY B 269 8.06 -14.47 -3.40
C GLY B 269 7.94 -13.89 -4.80
N ASP B 270 6.92 -13.04 -4.99
CA ASP B 270 6.67 -12.47 -6.32
C ASP B 270 7.68 -11.39 -6.69
N HIS B 271 8.09 -10.57 -5.73
CA HIS B 271 8.98 -9.42 -5.91
C HIS B 271 9.41 -8.97 -4.54
N LEU B 272 10.47 -8.18 -4.48
CA LEU B 272 10.83 -7.59 -3.20
C LEU B 272 9.78 -6.56 -2.77
N PRO B 273 9.63 -6.35 -1.47
CA PRO B 273 8.80 -5.23 -1.00
C PRO B 273 9.39 -3.90 -1.45
N GLY B 274 8.53 -2.95 -1.78
CA GLY B 274 8.95 -1.65 -2.24
C GLY B 274 9.24 -0.73 -1.07
N LEU B 275 10.22 -1.09 -0.27
CA LEU B 275 10.63 -0.26 0.84
C LEU B 275 12.10 0.10 0.81
N TYR B 276 12.89 -0.55 -0.02
CA TYR B 276 14.32 -0.28 -0.03
C TYR B 276 14.63 0.84 -1.02
N PRO B 277 15.52 1.75 -0.67
CA PRO B 277 16.14 2.60 -1.69
C PRO B 277 17.18 1.81 -2.48
N ASP B 278 17.44 2.26 -3.71
CA ASP B 278 18.41 1.56 -4.55
C ASP B 278 19.78 1.45 -3.88
N SER B 279 20.16 2.43 -3.08
CA SER B 279 21.45 2.36 -2.40
C SER B 279 21.59 1.11 -1.54
N ALA B 280 20.47 0.53 -1.09
CA ALA B 280 20.52 -0.61 -0.19
C ALA B 280 21.25 -1.79 -0.80
N PHE B 281 21.23 -1.89 -2.13
CA PHE B 281 21.80 -3.04 -2.83
C PHE B 281 23.29 -2.91 -3.07
N ASN B 282 23.92 -1.82 -2.62
CA ASN B 282 25.38 -1.67 -2.60
C ASN B 282 26.01 -2.07 -3.92
N LYS B 283 25.47 -1.50 -5.00
CA LYS B 283 26.02 -1.70 -6.34
C LYS B 283 25.98 -3.17 -6.80
N HIS B 284 25.14 -3.99 -6.17
CA HIS B 284 24.69 -5.26 -6.72
C HIS B 284 23.18 -5.15 -6.95
N ILE B 285 22.81 -4.23 -7.84
CA ILE B 285 21.40 -3.87 -8.01
C ILE B 285 20.58 -5.04 -8.55
N GLU B 286 21.24 -6.08 -9.10
CA GLU B 286 20.50 -7.25 -9.54
C GLU B 286 19.71 -7.88 -8.38
N ASN B 287 20.17 -7.65 -7.13
CA ASN B 287 19.47 -8.21 -5.98
C ASN B 287 18.13 -7.54 -5.71
N LYS B 288 17.85 -6.43 -6.39
CA LYS B 288 16.55 -5.78 -6.28
C LYS B 288 15.44 -6.61 -6.91
N TYR B 289 15.79 -7.65 -7.68
CA TYR B 289 14.81 -8.43 -8.42
C TYR B 289 14.97 -9.93 -8.22
N LEU B 290 15.55 -10.36 -7.12
CA LEU B 290 15.79 -11.78 -6.85
C LEU B 290 15.09 -12.17 -5.54
N THR B 291 14.04 -12.98 -5.65
CA THR B 291 13.31 -13.46 -4.49
C THR B 291 13.68 -14.92 -4.21
N ASP B 292 13.11 -15.47 -3.14
CA ASP B 292 13.33 -16.86 -2.79
C ASP B 292 12.23 -17.77 -3.35
N TYR B 293 12.62 -18.98 -3.71
CA TYR B 293 11.64 -20.01 -4.07
C TYR B 293 12.11 -21.35 -3.53
N PHE B 294 11.14 -22.24 -3.31
CA PHE B 294 11.42 -23.64 -3.10
C PHE B 294 10.33 -24.48 -3.73
N ILE B 295 10.69 -25.71 -4.11
CA ILE B 295 9.75 -26.72 -4.58
C ILE B 295 9.89 -27.89 -3.62
N TRP B 296 8.85 -28.13 -2.82
CA TRP B 296 8.91 -29.07 -1.70
C TRP B 296 7.76 -30.05 -1.78
N SER B 297 8.09 -31.34 -1.71
CA SER B 297 7.10 -32.40 -1.64
C SER B 297 7.01 -32.93 -0.22
N ASN B 298 5.86 -33.55 0.09
CA ASN B 298 5.62 -34.07 1.43
C ASN B 298 6.20 -35.45 1.66
N GLY B 299 6.89 -36.02 0.68
CA GLY B 299 7.64 -37.24 0.89
C GLY B 299 9.11 -37.00 0.78
N THR B 300 9.79 -37.79 -0.04
CA THR B 300 11.22 -37.64 -0.26
C THR B 300 11.46 -36.54 -1.28
N ASN B 301 12.39 -35.65 -1.01
CA ASN B 301 12.69 -34.56 -1.93
C ASN B 301 14.05 -34.72 -2.59
N GLU B 302 14.06 -34.55 -3.89
CA GLU B 302 15.27 -34.23 -4.60
C GLU B 302 15.76 -32.84 -4.19
N LYS B 303 16.99 -32.55 -4.61
CA LYS B 303 17.61 -31.24 -4.46
C LYS B 303 18.24 -30.91 -5.83
N LYS B 304 17.38 -30.56 -6.78
CA LYS B 304 17.85 -30.29 -8.13
C LYS B 304 18.61 -28.98 -8.15
N ASN B 305 19.49 -28.85 -9.14
CA ASN B 305 20.44 -27.74 -9.22
C ASN B 305 19.86 -26.64 -10.10
N HIS B 306 19.15 -25.71 -9.47
CA HIS B 306 18.51 -24.59 -10.17
C HIS B 306 18.63 -23.36 -9.27
N PRO B 307 19.84 -22.82 -9.14
CA PRO B 307 20.07 -21.71 -8.20
C PRO B 307 19.37 -20.42 -8.59
N LEU B 308 19.07 -20.22 -9.87
CA LEU B 308 18.45 -18.99 -10.35
C LEU B 308 17.57 -19.35 -11.54
N ILE B 309 16.25 -19.20 -11.38
CA ILE B 309 15.29 -19.49 -12.43
C ILE B 309 14.26 -18.37 -12.54
N ASN B 310 13.47 -18.41 -13.61
CA ASN B 310 12.40 -17.43 -13.85
C ASN B 310 11.07 -17.98 -13.31
N SER B 311 10.14 -17.08 -13.04
CA SER B 311 8.81 -17.52 -12.60
C SER B 311 8.18 -18.44 -13.65
N SER B 312 8.47 -18.22 -14.92
CA SER B 312 7.94 -19.05 -15.99
C SER B 312 8.51 -20.45 -15.98
N ASP B 313 9.61 -20.70 -15.26
CA ASP B 313 10.27 -22.00 -15.24
C ASP B 313 9.70 -22.95 -14.19
N PHE B 314 8.78 -22.49 -13.34
CA PHE B 314 8.41 -23.32 -12.20
C PHE B 314 7.77 -24.63 -12.63
N THR B 315 6.87 -24.61 -13.62
CA THR B 315 6.18 -25.85 -13.95
C THR B 315 7.17 -26.90 -14.47
N ALA B 316 8.07 -26.52 -15.36
CA ALA B 316 9.06 -27.49 -15.82
C ALA B 316 9.89 -27.99 -14.66
N ALA B 317 10.25 -27.11 -13.73
CA ALA B 317 11.01 -27.53 -12.56
C ALA B 317 10.19 -28.45 -11.65
N LEU B 318 8.87 -28.21 -11.56
CA LEU B 318 7.98 -29.08 -10.79
C LEU B 318 7.96 -30.49 -11.38
N PHE B 319 7.77 -30.59 -12.70
CA PHE B 319 7.78 -31.91 -13.31
C PHE B 319 9.11 -32.61 -13.06
N GLU B 320 10.22 -31.87 -13.14
CA GLU B 320 11.53 -32.48 -12.94
C GLU B 320 11.70 -32.93 -11.50
N HIS B 321 11.34 -32.06 -10.54
CA HIS B 321 11.54 -32.39 -9.14
C HIS B 321 10.74 -33.62 -8.75
N THR B 322 9.53 -33.73 -9.28
CA THR B 322 8.66 -34.85 -8.96
C THR B 322 8.84 -36.05 -9.89
N ASP B 323 9.81 -36.00 -10.81
CA ASP B 323 10.07 -37.10 -11.74
C ASP B 323 8.82 -37.48 -12.54
N SER B 324 8.09 -36.46 -13.00
CA SER B 324 6.83 -36.66 -13.69
C SER B 324 6.98 -36.56 -15.21
N LYS B 325 6.22 -37.37 -15.93
CA LYS B 325 6.25 -37.36 -17.38
C LYS B 325 5.72 -36.05 -17.96
N VAL B 326 6.31 -35.63 -19.08
CA VAL B 326 6.03 -34.33 -19.66
C VAL B 326 5.24 -34.46 -20.95
N SER B 327 4.56 -33.36 -21.29
CA SER B 327 4.04 -33.12 -22.63
C SER B 327 5.15 -32.55 -23.51
N PRO B 328 4.95 -32.56 -24.83
CA PRO B 328 5.92 -31.85 -25.70
C PRO B 328 6.13 -30.41 -25.26
N TYR B 329 5.06 -29.71 -24.88
CA TYR B 329 5.20 -28.35 -24.36
C TYR B 329 6.16 -28.30 -23.19
N TYR B 330 5.96 -29.16 -22.19
CA TYR B 330 6.84 -29.11 -21.02
C TYR B 330 8.23 -29.69 -21.31
N ALA B 331 8.39 -30.49 -22.35
CA ALA B 331 9.72 -30.86 -22.82
C ALA B 331 10.48 -29.64 -23.32
N LEU B 332 9.83 -28.83 -24.17
CA LEU B 332 10.45 -27.57 -24.58
C LEU B 332 10.76 -26.71 -23.38
N LEU B 333 9.83 -26.62 -22.43
CA LEU B 333 10.06 -25.75 -21.28
C LEU B 333 11.14 -26.31 -20.36
N THR B 334 11.37 -27.63 -20.39
CA THR B 334 12.48 -28.21 -19.66
C THR B 334 13.81 -27.81 -20.29
N GLU B 335 13.87 -27.81 -21.64
CA GLU B 335 15.06 -27.26 -22.30
C GLU B 335 15.28 -25.80 -21.95
N VAL B 336 14.20 -25.02 -21.85
CA VAL B 336 14.35 -23.62 -21.45
C VAL B 336 14.92 -23.52 -20.05
N LEU B 337 14.31 -24.25 -19.10
CA LEU B 337 14.78 -24.28 -17.73
C LEU B 337 16.26 -24.61 -17.65
N ASN B 338 16.68 -25.66 -18.35
CA ASN B 338 18.04 -26.14 -18.16
C ASN B 338 19.07 -25.44 -19.04
N LYS B 339 18.67 -24.87 -20.17
CA LYS B 339 19.62 -24.43 -21.18
C LYS B 339 19.44 -23.02 -21.69
N ALA B 340 18.31 -22.37 -21.43
CA ALA B 340 18.05 -21.10 -22.10
C ALA B 340 17.21 -20.16 -21.25
N SER B 341 17.44 -20.16 -19.93
CA SER B 341 16.69 -19.27 -19.07
C SER B 341 17.56 -18.13 -18.53
N VAL B 342 17.10 -17.48 -17.46
CA VAL B 342 17.65 -16.20 -17.03
C VAL B 342 19.03 -16.31 -16.42
N ASP B 343 19.48 -17.50 -16.09
CA ASP B 343 20.80 -17.71 -15.54
C ASP B 343 21.86 -17.87 -16.63
N LYS B 344 21.47 -18.00 -17.89
CA LYS B 344 22.39 -18.25 -18.99
C LYS B 344 22.53 -16.97 -19.82
N SER B 345 23.44 -17.03 -20.80
CA SER B 345 23.67 -15.91 -21.68
C SER B 345 22.41 -15.64 -22.48
N PRO B 346 22.26 -14.41 -23.00
CA PRO B 346 21.01 -14.10 -23.70
C PRO B 346 20.95 -14.56 -25.14
N ASP B 347 22.08 -14.91 -25.76
CA ASP B 347 22.04 -15.20 -27.18
C ASP B 347 23.20 -16.05 -27.71
N SER B 348 23.67 -17.02 -26.93
CA SER B 348 24.56 -18.02 -27.50
C SER B 348 23.80 -18.80 -28.57
N PRO B 349 24.49 -19.54 -29.44
CA PRO B 349 23.77 -20.33 -30.45
C PRO B 349 22.69 -21.24 -29.86
N GLU B 350 22.98 -21.94 -28.76
CA GLU B 350 22.02 -22.86 -28.19
C GLU B 350 20.83 -22.13 -27.59
N VAL B 351 21.09 -21.02 -26.88
CA VAL B 351 20.00 -20.23 -26.32
C VAL B 351 19.12 -19.67 -27.43
N LYS B 352 19.72 -19.13 -28.48
CA LYS B 352 18.94 -18.56 -29.57
C LYS B 352 18.02 -19.60 -30.17
N ALA B 353 18.53 -20.81 -30.36
CA ALA B 353 17.73 -21.85 -31.00
C ALA B 353 16.56 -22.24 -30.11
N ILE B 354 16.81 -22.46 -28.81
CA ILE B 354 15.72 -22.86 -27.92
C ILE B 354 14.73 -21.72 -27.75
N GLN B 355 15.23 -20.48 -27.61
CA GLN B 355 14.32 -19.35 -27.46
C GLN B 355 13.52 -19.10 -28.74
N ASN B 356 14.08 -19.42 -29.90
CA ASN B 356 13.29 -19.28 -31.12
C ASN B 356 12.13 -20.27 -31.13
N ASP B 357 12.37 -21.52 -30.70
CA ASP B 357 11.29 -22.49 -30.52
C ASP B 357 10.23 -21.93 -29.58
N LEU B 358 10.66 -21.42 -28.42
CA LEU B 358 9.70 -20.91 -27.45
C LEU B 358 8.93 -19.72 -28.00
N LYS B 359 9.64 -18.76 -28.60
CA LYS B 359 8.96 -17.57 -29.13
C LYS B 359 7.89 -17.95 -30.13
N ASN B 360 8.18 -18.91 -31.00
CA ASN B 360 7.18 -19.32 -31.98
C ASN B 360 5.95 -19.93 -31.32
N ILE B 361 6.15 -20.78 -30.31
CA ILE B 361 5.03 -21.36 -29.57
C ILE B 361 4.27 -20.26 -28.84
N GLN B 362 5.02 -19.38 -28.16
CA GLN B 362 4.44 -18.31 -27.35
C GLN B 362 3.61 -17.37 -28.22
N TYR B 363 4.13 -17.02 -29.38
CA TYR B 363 3.36 -16.19 -30.31
C TYR B 363 2.13 -16.94 -30.80
N ASP B 364 2.29 -18.23 -31.16
CA ASP B 364 1.19 -18.97 -31.75
C ASP B 364 -0.03 -19.01 -30.86
N VAL B 365 0.17 -19.15 -29.54
CA VAL B 365 -0.94 -19.34 -28.60
C VAL B 365 -1.46 -18.03 -28.04
N THR B 366 -0.83 -16.90 -28.35
CA THR B 366 -1.32 -15.61 -27.87
C THR B 366 -1.96 -14.82 -29.01
N ILE B 367 -1.16 -14.13 -29.82
CA ILE B 367 -1.72 -13.27 -30.85
C ILE B 367 -1.52 -13.83 -32.24
N GLY B 368 -0.97 -15.03 -32.37
CA GLY B 368 -0.75 -15.67 -33.66
C GLY B 368 -1.95 -16.44 -34.16
N LYS B 369 -1.68 -17.39 -35.05
CA LYS B 369 -2.71 -18.01 -35.87
C LYS B 369 -3.25 -19.30 -35.28
N GLY B 370 -2.72 -19.78 -34.16
CA GLY B 370 -3.24 -21.00 -33.56
C GLY B 370 -2.94 -22.26 -34.34
N TYR B 371 -1.77 -22.33 -34.98
CA TYR B 371 -1.38 -23.53 -35.70
C TYR B 371 -1.31 -24.74 -34.76
N LEU B 372 -0.99 -24.52 -33.48
CA LEU B 372 -0.90 -25.62 -32.53
C LEU B 372 -2.26 -26.23 -32.21
N LEU B 373 -3.36 -25.56 -32.54
CA LEU B 373 -4.68 -26.14 -32.31
C LEU B 373 -4.84 -27.48 -33.04
N LYS B 374 -4.13 -27.67 -34.14
CA LYS B 374 -4.14 -28.91 -34.91
C LYS B 374 -2.95 -29.81 -34.60
N HIS B 375 -2.33 -29.60 -33.45
CA HIS B 375 -1.35 -30.52 -32.88
C HIS B 375 -1.89 -30.99 -31.55
N LYS B 376 -2.89 -31.89 -31.62
CA LYS B 376 -3.65 -32.26 -30.44
C LYS B 376 -2.79 -32.88 -29.35
N THR B 377 -1.63 -33.44 -29.69
CA THR B 377 -0.82 -34.06 -28.67
C THR B 377 0.22 -33.12 -28.07
N PHE B 378 0.36 -31.90 -28.57
CA PHE B 378 1.47 -31.06 -28.13
C PHE B 378 1.38 -30.71 -26.65
N PHE B 379 0.17 -30.54 -26.13
CA PHE B 379 0.02 -30.20 -24.72
C PHE B 379 -0.41 -31.39 -23.86
N LYS B 380 -0.53 -32.58 -24.44
CA LYS B 380 -0.90 -33.76 -23.68
C LYS B 380 0.36 -34.50 -23.22
N ILE B 381 0.26 -35.17 -22.07
CA ILE B 381 1.42 -35.89 -21.57
C ILE B 381 1.70 -37.05 -22.53
N SER B 382 2.94 -37.15 -22.98
CA SER B 382 3.33 -38.14 -23.97
C SER B 382 3.70 -39.47 -23.30
MN MN C . -1.92 9.52 3.90
C3 1GP D . -0.02 4.71 8.45
O3 1GP D . -0.58 7.08 8.56
C2 1GP D . 0.28 6.10 7.95
O2 1GP D . 0.35 4.52 9.81
C1 1GP D . 0.13 6.17 6.43
O1P 1GP D . 0.71 7.38 5.92
O2P 1GP D . -0.42 7.86 3.56
O3P 1GP D . 2.02 8.58 4.21
O4P 1GP D . 1.44 6.13 3.83
P 1GP D . 0.91 7.52 4.32
H31 1GP D . 0.48 3.98 7.82
H32 1GP D . -1.08 4.51 8.32
HO3 1GP D . -1.52 6.84 8.36
H2 1GP D . 1.25 6.45 8.28
HO2 1GP D . -0.01 3.64 10.08
H11 1GP D . 0.63 5.34 5.92
H12 1GP D . -0.91 6.16 6.11
HO3P 1GP D . 2.60 8.81 4.99
HO4P 1GP D . 2.39 5.92 3.67
CA CA E . -16.54 37.95 16.21
MN MN F . 2.98 -8.53 -5.02
C3 1GP G . -3.86 -7.51 -4.64
O3 1GP G . -2.41 -9.20 -5.62
C2 1GP G . -2.71 -7.79 -5.57
O2 1GP G . -5.07 -8.02 -5.17
C1 1GP G . -1.48 -6.98 -5.17
O1P 1GP G . -0.45 -7.08 -6.17
O2P 1GP G . 1.88 -6.46 -5.11
O3P 1GP G . 1.22 -5.87 -7.57
O4P 1GP G . 0.19 -4.67 -5.65
P 1GP G . 0.80 -6.02 -6.09
H31 1GP G . -3.93 -6.44 -4.46
H32 1GP G . -3.65 -7.95 -3.67
HO3 1GP G . -1.80 -9.43 -4.88
H2 1GP G . -2.97 -7.62 -6.61
HO2 1GP G . -5.69 -8.13 -4.39
H11 1GP G . -1.69 -5.93 -5.04
H12 1GP G . -1.03 -7.34 -4.24
HO3P 1GP G . 0.60 -6.10 -8.31
HO4P 1GP G . -0.06 -3.92 -6.27
CA CA H . 14.11 -39.98 -13.36
#